data_6DO5
#
_entry.id   6DO5
#
_cell.length_a   44.496
_cell.length_b   87.086
_cell.length_c   88.322
_cell.angle_alpha   90.000
_cell.angle_beta   104.560
_cell.angle_gamma   90.000
#
_symmetry.space_group_name_H-M   'P 1 21 1'
#
loop_
_entity.id
_entity.type
_entity.pdbx_description
1 polymer 'Kelch domain-containing protein 2'
2 polymer 'USP1 C-END DEGRON'
3 water water
#
loop_
_entity_poly.entity_id
_entity_poly.type
_entity_poly.pdbx_seq_one_letter_code
_entity_poly.pdbx_strand_id
1 'polypeptide(L)'
;SMADGNEDLRADDLPGPAFESYESMELACPAERSGHVAVSDGRHMFVWGGYKSNQVRGLYDFYLPREELWIYNMETGRWK
KINTEGDVPPSMSGSCAVCVDRVLYLFGGHHSRGNTNKFYMLDSRSTDRVLQWERIDCQGIPPSSKDKLGVWVYKNKLIF
FGGYGYLPEDKVLGTFEFDETSFWNSSHPRGWNDHVHILDTETFTWSQPITTGKAPSPRAAHACATVGNRGFVFGGRYRD
ARMNDLHYLNLDTWEWNELIPQGICPVGRSWHSLTPVSSDHLFLFGGFTTDKQPLSDAWTYCISKNEWIQFNHPYTEKPR
LWHTACASDEGEVIVFGGCANNLLVHHRAAHSNEILIFSVQPK
;
A,B
2 'polypeptide(L)' IGLLGG D,C
#
# COMPACT_ATOMS: atom_id res chain seq x y z
N ALA A 28 18.17 -19.42 -0.92
CA ALA A 28 18.39 -19.00 0.46
C ALA A 28 19.20 -17.71 0.52
N CYS A 29 18.89 -16.78 -0.35
CA CYS A 29 19.71 -15.57 -0.48
C CYS A 29 18.90 -14.36 -0.91
N PRO A 30 19.00 -13.26 -0.15
CA PRO A 30 18.17 -12.09 -0.46
C PRO A 30 18.46 -11.60 -1.87
N ALA A 31 17.45 -11.09 -2.56
CA ALA A 31 17.64 -10.50 -3.88
C ALA A 31 18.42 -9.19 -3.79
N GLU A 32 19.21 -8.93 -4.83
CA GLU A 32 20.02 -7.72 -4.98
C GLU A 32 19.19 -6.45 -4.76
N ARG A 33 19.77 -5.43 -4.11
CA ARG A 33 19.02 -4.19 -3.83
C ARG A 33 19.86 -3.02 -3.32
N SER A 34 19.43 -1.81 -3.69
CA SER A 34 19.93 -0.59 -3.09
C SER A 34 18.80 0.14 -2.40
N GLY A 35 19.13 1.10 -1.55
CA GLY A 35 18.12 1.83 -0.82
C GLY A 35 17.24 1.09 0.16
N HIS A 36 17.58 -0.15 0.49
CA HIS A 36 16.94 -0.90 1.59
C HIS A 36 17.28 -0.34 2.95
N VAL A 37 16.82 -1.02 3.99
CA VAL A 37 17.25 -0.83 5.35
C VAL A 37 17.84 -2.07 6.01
N ALA A 38 18.90 -1.84 6.73
CA ALA A 38 19.49 -2.83 7.59
C ALA A 38 19.69 -2.36 9.01
N VAL A 39 19.24 -3.14 9.96
CA VAL A 39 19.45 -2.83 11.35
C VAL A 39 19.81 -4.10 12.06
N SER A 40 20.31 -3.98 13.27
CA SER A 40 20.97 -5.07 13.94
C SER A 40 20.93 -5.00 15.43
N ASP A 41 21.13 -6.14 16.06
CA ASP A 41 21.36 -6.23 17.46
C ASP A 41 22.77 -6.65 17.72
N GLY A 42 23.59 -6.71 16.71
CA GLY A 42 24.96 -7.14 16.87
C GLY A 42 25.20 -8.58 16.56
N ARG A 43 24.13 -9.33 16.35
CA ARG A 43 24.17 -10.74 16.09
C ARG A 43 23.29 -11.12 14.91
N HIS A 44 22.07 -10.58 14.87
CA HIS A 44 21.21 -10.76 13.72
C HIS A 44 20.92 -9.49 12.96
N MET A 45 21.17 -9.47 11.66
CA MET A 45 20.90 -8.33 10.81
C MET A 45 19.59 -8.44 10.08
N PHE A 46 18.75 -7.43 10.23
CA PHE A 46 17.52 -7.37 9.52
C PHE A 46 17.54 -6.40 8.37
N VAL A 47 16.99 -6.86 7.28
CA VAL A 47 17.05 -6.22 6.01
C VAL A 47 15.64 -6.17 5.45
N TRP A 48 15.19 -5.00 5.10
CA TRP A 48 13.88 -4.81 4.48
C TRP A 48 13.90 -3.75 3.36
N GLY A 49 13.09 -3.98 2.34
CA GLY A 49 12.83 -2.95 1.35
C GLY A 49 13.92 -2.73 0.32
N GLY A 50 13.93 -1.51 -0.23
CA GLY A 50 14.83 -1.16 -1.32
C GLY A 50 14.26 -1.48 -2.70
N TYR A 51 15.09 -1.35 -3.72
CA TYR A 51 14.68 -1.58 -5.09
C TYR A 51 15.82 -2.15 -5.93
N LYS A 52 15.51 -2.61 -7.14
CA LYS A 52 16.48 -3.21 -8.04
C LYS A 52 16.07 -2.90 -9.48
N SER A 53 16.64 -3.61 -10.45
CA SER A 53 16.23 -3.40 -11.82
C SER A 53 16.29 -4.70 -12.60
N PHE A 62 12.02 -2.38 -10.17
CA PHE A 62 11.34 -1.60 -9.14
C PHE A 62 11.48 -2.26 -7.76
N TYR A 63 10.51 -2.01 -6.88
CA TYR A 63 10.63 -2.34 -5.45
C TYR A 63 10.60 -3.82 -5.07
N LEU A 64 11.25 -4.12 -3.95
CA LEU A 64 11.27 -5.48 -3.40
C LEU A 64 10.01 -5.69 -2.58
N PRO A 65 9.55 -6.96 -2.46
CA PRO A 65 8.28 -7.28 -1.80
C PRO A 65 8.18 -6.80 -0.35
N ARG A 66 7.18 -5.96 -0.07
CA ARG A 66 7.04 -5.27 1.21
C ARG A 66 6.97 -6.19 2.41
N GLU A 67 6.45 -7.40 2.20
CA GLU A 67 6.17 -8.31 3.30
C GLU A 67 7.37 -9.16 3.67
N GLU A 68 8.43 -9.07 2.87
CA GLU A 68 9.64 -9.87 3.06
C GLU A 68 10.60 -9.22 4.04
N LEU A 69 10.99 -9.97 5.06
CA LEU A 69 11.95 -9.50 6.02
C LEU A 69 13.10 -10.50 6.04
N TRP A 70 14.22 -10.12 5.46
CA TRP A 70 15.37 -11.01 5.41
C TRP A 70 16.23 -10.79 6.65
N ILE A 71 16.64 -11.90 7.24
CA ILE A 71 17.40 -11.90 8.49
C ILE A 71 18.76 -12.57 8.25
N TYR A 72 19.81 -11.91 8.69
CA TYR A 72 21.16 -12.43 8.49
C TYR A 72 21.86 -12.70 9.81
N ASN A 73 22.18 -13.96 10.04
CA ASN A 73 22.94 -14.34 11.21
C ASN A 73 24.40 -13.97 11.01
N MET A 74 24.93 -13.13 11.89
CA MET A 74 26.27 -12.59 11.74
C MET A 74 27.38 -13.57 12.12
N GLU A 75 27.04 -14.57 12.94
CA GLU A 75 28.03 -15.53 13.40
C GLU A 75 28.20 -16.69 12.42
N THR A 76 27.09 -17.20 11.88
CA THR A 76 27.12 -18.32 10.93
C THR A 76 27.32 -17.86 9.48
N GLY A 77 26.44 -17.00 9.00
CA GLY A 77 26.56 -16.42 7.67
C GLY A 77 25.44 -16.83 6.75
N ARG A 78 24.34 -17.32 7.33
CA ARG A 78 23.21 -17.76 6.52
C ARG A 78 22.03 -16.79 6.62
N TRP A 79 21.11 -16.90 5.68
CA TRP A 79 19.93 -16.04 5.65
C TRP A 79 18.66 -16.77 6.02
N LYS A 80 17.61 -16.00 6.27
CA LYS A 80 16.29 -16.54 6.58
C LYS A 80 15.26 -15.48 6.30
N LYS A 81 14.30 -15.82 5.43
CA LYS A 81 13.27 -14.88 5.03
C LYS A 81 11.97 -15.18 5.76
N ILE A 82 11.35 -14.15 6.32
CA ILE A 82 10.05 -14.35 6.94
C ILE A 82 9.02 -13.40 6.35
N ASN A 83 7.82 -13.89 6.12
CA ASN A 83 6.74 -13.02 5.69
C ASN A 83 6.12 -12.39 6.93
N THR A 84 5.89 -11.09 6.85
CA THR A 84 5.24 -10.34 7.91
C THR A 84 3.81 -10.05 7.61
N GLU A 85 3.04 -9.81 8.64
CA GLU A 85 1.67 -9.49 8.48
C GLU A 85 1.45 -8.19 9.16
N GLY A 86 0.21 -7.89 9.43
CA GLY A 86 -0.18 -6.64 10.00
C GLY A 86 -0.14 -5.47 9.05
N ASP A 87 0.12 -4.33 9.66
CA ASP A 87 0.19 -3.08 8.98
C ASP A 87 1.49 -3.06 8.21
N VAL A 88 1.65 -3.97 7.28
CA VAL A 88 2.76 -3.92 6.38
C VAL A 88 2.94 -2.53 5.75
N PRO A 89 4.23 -2.02 5.94
CA PRO A 89 4.45 -0.77 5.27
C PRO A 89 4.65 -0.97 3.75
N PRO A 90 4.33 0.15 2.96
CA PRO A 90 4.62 -0.04 1.52
C PRO A 90 6.08 -0.24 1.16
N SER A 91 6.30 -0.91 0.04
CA SER A 91 7.61 -1.19 -0.47
C SER A 91 8.32 0.13 -0.77
N MET A 92 9.47 0.35 -0.15
CA MET A 92 10.16 1.63 -0.17
C MET A 92 11.66 1.59 -0.31
N SER A 93 12.21 2.74 -0.69
CA SER A 93 13.62 3.02 -0.75
C SER A 93 13.83 4.24 0.10
N GLY A 94 15.03 4.39 0.63
CA GLY A 94 15.35 5.57 1.39
C GLY A 94 14.62 5.67 2.72
N SER A 95 14.02 4.57 3.19
CA SER A 95 13.44 4.58 4.53
C SER A 95 14.54 4.62 5.58
N CYS A 96 14.19 5.11 6.75
CA CYS A 96 15.08 5.19 7.88
C CYS A 96 14.58 4.23 8.97
N ALA A 97 15.47 3.36 9.46
CA ALA A 97 15.11 2.28 10.40
C ALA A 97 16.11 2.08 11.54
N VAL A 98 15.61 1.65 12.70
CA VAL A 98 16.45 1.30 13.85
C VAL A 98 16.00 0.03 14.55
N CYS A 99 16.91 -0.56 15.30
CA CYS A 99 16.53 -1.65 16.19
C CYS A 99 16.85 -1.22 17.60
N VAL A 100 15.84 -1.21 18.46
CA VAL A 100 16.06 -0.98 19.89
C VAL A 100 15.50 -2.16 20.65
N ASP A 101 16.37 -2.87 21.35
CA ASP A 101 16.04 -4.11 22.06
C ASP A 101 15.19 -5.05 21.21
N ARG A 102 15.71 -5.43 20.04
CA ARG A 102 15.04 -6.37 19.14
C ARG A 102 13.66 -5.93 18.70
N VAL A 103 13.38 -4.64 18.81
CA VAL A 103 12.19 -4.06 18.22
C VAL A 103 12.60 -3.13 17.08
N LEU A 104 12.00 -3.35 15.92
CA LEU A 104 12.30 -2.58 14.72
C LEU A 104 11.40 -1.35 14.65
N TYR A 105 11.99 -0.21 14.32
CA TYR A 105 11.22 1.01 14.09
C TYR A 105 11.54 1.51 12.68
N LEU A 106 10.54 2.03 11.97
CA LEU A 106 10.75 2.49 10.59
C LEU A 106 10.09 3.84 10.34
N PHE A 107 10.81 4.76 9.71
CA PHE A 107 10.23 6.05 9.39
C PHE A 107 10.55 6.52 7.98
N GLY A 108 9.54 7.06 7.30
CA GLY A 108 9.73 7.69 6.02
C GLY A 108 10.19 6.76 4.89
N GLY A 109 10.62 7.34 3.80
CA GLY A 109 11.01 6.55 2.65
C GLY A 109 10.22 6.96 1.44
N HIS A 110 10.46 6.30 0.32
CA HIS A 110 9.78 6.64 -0.91
C HIS A 110 9.15 5.42 -1.56
N HIS A 111 7.84 5.44 -1.78
CA HIS A 111 7.15 4.32 -2.43
C HIS A 111 6.66 4.74 -3.81
N SER A 112 5.90 3.85 -4.46
CA SER A 112 5.34 4.09 -5.82
C SER A 112 4.58 5.39 -6.00
N ARG A 113 4.07 5.95 -4.90
CA ARG A 113 3.38 7.23 -4.95
C ARG A 113 4.07 8.35 -4.17
N GLY A 114 5.38 8.23 -3.94
CA GLY A 114 6.11 9.31 -3.29
C GLY A 114 6.52 9.08 -1.85
N ASN A 115 6.91 10.16 -1.17
CA ASN A 115 7.48 10.07 0.17
C ASN A 115 6.42 9.99 1.26
N THR A 116 6.78 9.39 2.36
CA THR A 116 5.86 9.24 3.47
C THR A 116 6.50 9.80 4.74
N ASN A 117 5.65 10.08 5.74
CA ASN A 117 6.11 10.38 7.09
C ASN A 117 5.41 9.46 8.07
N LYS A 118 5.06 8.27 7.59
CA LYS A 118 4.46 7.21 8.38
C LYS A 118 5.53 6.50 9.22
N PHE A 119 5.15 6.11 10.43
CA PHE A 119 6.08 5.47 11.37
C PHE A 119 5.60 4.07 11.73
N TYR A 120 6.47 3.09 11.54
CA TYR A 120 6.10 1.70 11.78
C TYR A 120 7.01 1.07 12.81
N MET A 121 6.44 0.22 13.66
CA MET A 121 7.33 -0.62 14.43
C MET A 121 7.00 -2.07 14.14
N LEU A 122 7.92 -2.94 14.52
CA LEU A 122 7.84 -4.37 14.30
C LEU A 122 8.63 -5.07 15.40
N ASP A 123 7.92 -5.66 16.36
CA ASP A 123 8.56 -6.42 17.41
C ASP A 123 9.12 -7.70 16.83
N SER A 124 10.42 -7.92 16.97
CA SER A 124 11.04 -9.08 16.37
C SER A 124 11.41 -10.14 17.40
N ARG A 125 10.82 -10.05 18.58
CA ARG A 125 11.02 -11.06 19.63
C ARG A 125 9.97 -12.18 19.53
N SER A 126 8.74 -11.78 19.21
CA SER A 126 7.63 -12.72 19.08
C SER A 126 7.95 -13.87 18.12
N ARG A 129 5.18 -16.55 17.23
CA ARG A 129 4.26 -16.01 16.27
C ARG A 129 5.00 -15.48 15.04
N VAL A 130 4.29 -15.30 13.95
CA VAL A 130 4.84 -14.63 12.78
C VAL A 130 4.69 -13.13 12.92
N LEU A 131 5.73 -12.43 12.50
CA LEU A 131 5.90 -11.05 12.83
C LEU A 131 4.87 -10.14 12.27
N GLN A 132 4.59 -9.12 13.04
CA GLN A 132 3.58 -8.21 12.64
C GLN A 132 3.97 -6.77 12.74
N TRP A 133 3.71 -6.06 11.65
CA TRP A 133 3.98 -4.66 11.57
C TRP A 133 2.87 -3.93 12.23
N GLU A 134 3.18 -2.81 12.84
CA GLU A 134 2.19 -1.94 13.38
C GLU A 134 2.47 -0.53 12.96
N ARG A 135 1.49 0.16 12.43
CA ARG A 135 1.66 1.55 12.08
C ARG A 135 1.19 2.40 13.20
N ILE A 136 2.10 3.20 13.71
CA ILE A 136 1.82 3.96 14.90
C ILE A 136 1.30 5.32 14.54
N ASP A 137 0.08 5.62 14.95
CA ASP A 137 -0.45 6.94 14.71
C ASP A 137 0.03 7.83 15.83
N CYS A 138 1.16 8.49 15.59
CA CYS A 138 1.89 9.20 16.63
C CYS A 138 1.20 10.49 17.01
N GLN A 139 1.44 10.96 18.22
CA GLN A 139 0.92 12.26 18.63
C GLN A 139 1.92 13.38 18.27
N GLY A 140 1.41 14.59 18.09
CA GLY A 140 2.23 15.72 17.75
C GLY A 140 2.42 15.84 16.25
N ILE A 141 3.21 16.84 15.86
CA ILE A 141 3.45 17.13 14.44
C ILE A 141 4.65 16.36 13.91
N PRO A 142 4.39 15.33 13.10
CA PRO A 142 5.43 14.50 12.47
C PRO A 142 6.39 15.34 11.63
N PRO A 143 7.53 14.77 11.22
CA PRO A 143 8.37 15.44 10.22
C PRO A 143 7.65 15.51 8.87
N SER A 144 8.12 16.34 7.96
CA SER A 144 7.53 16.32 6.61
C SER A 144 7.87 14.96 6.00
N SER A 145 7.11 14.58 4.99
CA SER A 145 7.32 13.31 4.33
C SER A 145 8.65 13.37 3.59
N LYS A 146 9.46 12.33 3.71
CA LYS A 146 10.82 12.39 3.20
C LYS A 146 11.54 11.05 3.21
N ASP A 147 12.68 10.99 2.54
CA ASP A 147 13.50 9.79 2.57
C ASP A 147 14.97 10.17 2.74
N LYS A 148 15.85 9.17 2.73
CA LYS A 148 17.31 9.39 2.70
C LYS A 148 17.78 10.32 3.80
N LEU A 149 17.30 10.04 5.00
CA LEU A 149 17.63 10.83 6.16
C LEU A 149 18.50 9.97 7.07
N GLY A 150 18.53 10.28 8.36
CA GLY A 150 19.22 9.40 9.28
C GLY A 150 18.66 9.58 10.67
N VAL A 151 18.98 8.66 11.57
CA VAL A 151 18.47 8.74 12.94
C VAL A 151 19.53 8.39 13.99
N TRP A 152 19.40 9.05 15.14
CA TRP A 152 20.16 8.71 16.35
C TRP A 152 19.27 8.11 17.42
N VAL A 153 19.74 7.04 18.05
CA VAL A 153 19.02 6.46 19.17
C VAL A 153 19.66 6.93 20.45
N TYR A 154 18.84 7.49 21.35
CA TYR A 154 19.35 7.92 22.64
C TYR A 154 18.28 7.79 23.71
N LYS A 155 18.51 6.86 24.64
CA LYS A 155 17.59 6.56 25.73
C LYS A 155 16.21 6.17 25.17
N ASN A 156 15.17 6.91 25.55
CA ASN A 156 13.81 6.65 25.08
C ASN A 156 13.53 7.30 23.74
N LYS A 157 14.54 7.97 23.18
CA LYS A 157 14.31 8.88 22.07
C LYS A 157 14.85 8.41 20.74
N LEU A 158 14.01 8.54 19.71
CA LEU A 158 14.43 8.39 18.33
C LEU A 158 14.60 9.78 17.76
N ILE A 159 15.81 10.14 17.35
CA ILE A 159 16.06 11.50 16.89
C ILE A 159 16.45 11.50 15.40
N PHE A 160 15.57 12.07 14.57
CA PHE A 160 15.75 12.04 13.13
C PHE A 160 16.32 13.36 12.63
N PHE A 161 17.18 13.29 11.62
CA PHE A 161 17.78 14.48 11.02
C PHE A 161 17.80 14.44 9.49
N GLY A 162 17.50 15.57 8.86
CA GLY A 162 17.64 15.74 7.44
C GLY A 162 16.60 15.05 6.57
N GLY A 163 16.88 15.00 5.28
CA GLY A 163 16.06 14.24 4.37
C GLY A 163 15.75 14.95 3.08
N TYR A 164 15.10 14.23 2.19
CA TYR A 164 14.62 14.76 0.93
C TYR A 164 13.17 14.36 0.78
N GLY A 165 12.33 15.35 0.51
CA GLY A 165 10.92 15.08 0.33
C GLY A 165 10.23 16.39 0.08
N TYR A 166 8.91 16.38 0.24
CA TYR A 166 8.09 17.52 -0.09
C TYR A 166 8.32 18.66 0.86
N LEU A 167 7.77 19.80 0.50
CA LEU A 167 7.79 20.99 1.32
C LEU A 167 7.02 20.75 2.63
N PRO A 168 7.61 21.13 3.77
CA PRO A 168 6.96 21.02 5.09
C PRO A 168 5.64 21.77 5.15
N LYS A 171 5.56 25.62 8.74
CA LYS A 171 5.15 25.51 10.13
C LYS A 171 5.96 24.42 10.85
N VAL A 172 7.28 24.55 10.79
CA VAL A 172 8.18 23.54 11.30
C VAL A 172 9.40 24.27 11.82
N LEU A 173 10.25 23.59 12.57
CA LEU A 173 11.51 24.17 13.01
C LEU A 173 12.67 23.74 12.12
N GLY A 174 13.35 24.71 11.51
CA GLY A 174 14.52 24.42 10.70
C GLY A 174 14.45 25.10 9.34
N THR A 175 15.29 24.65 8.41
CA THR A 175 15.23 25.21 7.05
C THR A 175 15.01 24.15 5.97
N PHE A 176 14.19 24.50 4.99
CA PHE A 176 13.90 23.67 3.82
C PHE A 176 14.50 24.36 2.61
N GLU A 177 14.93 23.56 1.64
CA GLU A 177 15.63 24.07 0.49
C GLU A 177 15.27 23.26 -0.74
N PHE A 178 14.50 23.86 -1.63
CA PHE A 178 14.02 23.20 -2.83
C PHE A 178 15.17 22.72 -3.72
N ASP A 179 14.98 21.56 -4.33
CA ASP A 179 15.85 21.05 -5.38
C ASP A 179 15.22 21.42 -6.71
N GLU A 180 15.80 22.42 -7.36
CA GLU A 180 15.18 22.96 -8.58
C GLU A 180 14.96 21.92 -9.69
N THR A 181 15.75 20.86 -9.72
CA THR A 181 15.56 19.80 -10.72
C THR A 181 14.27 18.99 -10.53
N SER A 182 13.68 19.06 -9.33
CA SER A 182 12.48 18.27 -9.05
C SER A 182 11.22 18.93 -9.60
N PHE A 183 11.33 20.19 -9.99
CA PHE A 183 10.23 20.89 -10.67
C PHE A 183 10.11 20.43 -12.10
N TRP A 184 11.14 19.76 -12.59
CA TRP A 184 11.20 19.34 -13.98
C TRP A 184 11.46 17.84 -14.08
N SER A 187 4.75 17.96 -11.37
CA SER A 187 4.53 16.97 -10.35
C SER A 187 4.51 17.62 -8.97
N HIS A 188 5.10 16.96 -7.98
CA HIS A 188 5.41 17.56 -6.68
C HIS A 188 6.90 17.84 -6.61
N PRO A 189 7.29 19.10 -6.46
CA PRO A 189 8.71 19.44 -6.29
C PRO A 189 9.20 19.08 -4.89
N ARG A 190 10.48 18.77 -4.76
CA ARG A 190 11.00 18.32 -3.47
C ARG A 190 12.28 19.05 -3.10
N GLY A 191 12.87 18.69 -1.96
CA GLY A 191 14.04 19.39 -1.48
C GLY A 191 14.56 18.94 -0.12
N TRP A 192 15.68 19.54 0.29
CA TRP A 192 16.41 19.10 1.48
C TRP A 192 16.05 19.91 2.73
N ASN A 193 16.18 19.26 3.88
CA ASN A 193 15.94 19.93 5.14
C ASN A 193 17.03 19.60 6.16
N ASP A 194 17.13 20.45 7.17
CA ASP A 194 18.04 20.27 8.31
C ASP A 194 17.23 20.00 9.58
N HIS A 195 15.97 19.64 9.41
CA HIS A 195 15.09 19.46 10.53
C HIS A 195 15.66 18.44 11.52
N VAL A 196 15.47 18.70 12.81
CA VAL A 196 15.69 17.69 13.83
C VAL A 196 14.33 17.35 14.45
N HIS A 197 14.06 16.06 14.61
CA HIS A 197 12.76 15.60 15.10
C HIS A 197 12.99 14.49 16.10
N ILE A 198 12.35 14.61 17.26
CA ILE A 198 12.38 13.57 18.25
C ILE A 198 11.08 12.79 18.22
N LEU A 199 11.14 11.47 18.15
CA LEU A 199 9.99 10.65 18.53
C LEU A 199 10.29 9.98 19.87
N ASP A 200 9.65 10.47 20.92
CA ASP A 200 9.80 9.88 22.24
C ASP A 200 8.98 8.59 22.28
N THR A 201 9.66 7.46 22.36
CA THR A 201 8.97 6.17 22.33
C THR A 201 8.20 5.86 23.62
N GLU A 202 8.28 6.74 24.61
CA GLU A 202 7.51 6.59 25.84
C GLU A 202 6.01 6.82 25.60
N THR A 203 5.69 7.80 24.76
CA THR A 203 4.30 8.18 24.50
C THR A 203 4.03 8.20 23.01
N PHE A 204 5.04 7.83 22.23
CA PHE A 204 5.07 7.99 20.79
C PHE A 204 4.57 9.37 20.37
N THR A 205 5.31 10.38 20.79
CA THR A 205 4.96 11.77 20.52
C THR A 205 6.10 12.45 19.79
N TRP A 206 5.78 13.07 18.66
CA TRP A 206 6.75 13.86 17.92
C TRP A 206 6.96 15.20 18.60
N SER A 207 8.18 15.70 18.50
CA SER A 207 8.50 17.03 18.95
C SER A 207 9.77 17.49 18.25
N GLN A 208 10.13 18.75 18.47
CA GLN A 208 11.41 19.24 18.00
C GLN A 208 12.17 19.93 19.12
N PRO A 209 13.44 19.53 19.34
CA PRO A 209 14.22 20.23 20.34
C PRO A 209 14.70 21.59 19.83
N ILE A 210 14.84 22.54 20.74
CA ILE A 210 15.52 23.78 20.43
C ILE A 210 17.00 23.53 20.53
N THR A 211 17.66 23.53 19.39
CA THR A 211 19.10 23.33 19.36
C THR A 211 19.86 24.65 19.32
N THR A 212 21.07 24.66 19.86
CA THR A 212 21.95 25.81 19.68
C THR A 212 23.05 25.43 18.71
N GLY A 213 23.74 26.44 18.18
CA GLY A 213 24.95 26.20 17.43
C GLY A 213 24.76 26.19 15.94
N LYS A 214 25.87 26.00 15.23
CA LYS A 214 25.89 25.85 13.78
C LYS A 214 25.40 24.46 13.37
N ALA A 215 24.12 24.36 13.01
CA ALA A 215 23.58 23.12 12.48
C ALA A 215 24.12 22.90 11.08
N PRO A 216 24.32 21.63 10.69
CA PRO A 216 24.74 21.35 9.32
C PRO A 216 23.72 21.92 8.36
N SER A 217 24.10 22.14 7.11
CA SER A 217 23.15 22.61 6.12
C SER A 217 22.09 21.54 5.93
N PRO A 218 20.97 21.89 5.27
CA PRO A 218 20.09 20.85 4.77
C PRO A 218 20.87 19.81 3.96
N ARG A 219 20.46 18.56 4.03
CA ARG A 219 21.17 17.52 3.34
C ARG A 219 20.31 16.29 3.37
N ALA A 220 20.69 15.32 2.53
CA ALA A 220 20.05 14.03 2.50
C ALA A 220 21.08 13.06 1.96
N ALA A 221 20.86 11.76 2.15
CA ALA A 221 21.85 10.73 1.85
C ALA A 221 23.18 11.01 2.61
N HIS A 222 23.05 11.74 3.71
CA HIS A 222 24.11 11.84 4.71
C HIS A 222 24.13 10.53 5.49
N ALA A 223 25.08 10.38 6.41
CA ALA A 223 25.06 9.22 7.29
C ALA A 223 25.15 9.65 8.76
N CYS A 224 24.33 9.03 9.58
CA CYS A 224 24.23 9.37 10.98
C CYS A 224 24.78 8.25 11.86
N ALA A 225 25.47 8.63 12.92
CA ALA A 225 25.95 7.61 13.86
C ALA A 225 25.90 8.15 15.29
N THR A 226 25.64 7.26 16.22
CA THR A 226 25.48 7.65 17.62
C THR A 226 26.53 6.98 18.46
N VAL A 227 27.23 7.78 19.27
CA VAL A 227 28.09 7.25 20.34
C VAL A 227 27.83 8.00 21.64
N GLY A 228 27.38 7.28 22.67
CA GLY A 228 27.00 7.91 23.92
C GLY A 228 25.92 8.93 23.62
N ASN A 229 26.13 10.16 24.06
CA ASN A 229 25.19 11.23 23.79
C ASN A 229 25.54 12.12 22.58
N ARG A 230 26.29 11.59 21.63
CA ARG A 230 26.66 12.38 20.46
C ARG A 230 26.11 11.78 19.18
N GLY A 231 25.33 12.57 18.46
CA GLY A 231 24.76 12.15 17.20
C GLY A 231 25.60 12.70 16.06
N PHE A 232 26.52 11.88 15.55
CA PHE A 232 27.37 12.27 14.43
C PHE A 232 26.61 12.18 13.12
N VAL A 233 26.77 13.20 12.29
CA VAL A 233 26.32 13.13 10.91
C VAL A 233 27.53 13.50 10.07
N PHE A 234 27.73 12.78 8.96
CA PHE A 234 28.82 13.08 8.04
C PHE A 234 28.33 13.07 6.61
N GLY A 235 28.88 13.99 5.80
CA GLY A 235 28.64 14.04 4.37
C GLY A 235 27.19 14.30 4.02
N GLY A 236 26.84 13.90 2.80
CA GLY A 236 25.50 14.10 2.29
C GLY A 236 25.51 15.02 1.09
N ARG A 237 24.40 15.04 0.38
CA ARG A 237 24.23 15.84 -0.79
C ARG A 237 23.42 17.05 -0.41
N TYR A 238 23.81 18.20 -0.90
CA TYR A 238 23.07 19.42 -0.73
C TYR A 238 23.32 20.28 -1.92
N ARG A 239 22.26 20.78 -2.55
CA ARG A 239 22.39 21.54 -3.80
C ARG A 239 23.22 20.74 -4.80
N ASP A 240 24.38 21.30 -5.14
CA ASP A 240 25.22 20.73 -6.19
C ASP A 240 26.49 20.08 -5.66
N ALA A 241 26.53 19.81 -4.36
CA ALA A 241 27.68 19.08 -3.85
C ALA A 241 27.30 17.85 -3.06
N ARG A 242 28.26 16.93 -2.99
CA ARG A 242 28.27 15.82 -2.06
C ARG A 242 29.44 16.10 -1.12
N MET A 243 29.16 16.26 0.17
CA MET A 243 30.04 16.97 1.12
C MET A 243 30.92 16.10 2.01
N ASN A 244 31.91 16.74 2.64
CA ASN A 244 32.88 16.05 3.49
C ASN A 244 32.90 16.54 4.94
N ASP A 245 31.91 17.34 5.31
CA ASP A 245 31.87 17.97 6.62
C ASP A 245 31.31 16.99 7.66
N LEU A 246 31.76 17.16 8.89
CA LEU A 246 31.40 16.28 9.99
C LEU A 246 30.93 17.12 11.17
N HIS A 247 29.75 16.80 11.67
CA HIS A 247 29.22 17.48 12.83
C HIS A 247 28.76 16.43 13.81
N TYR A 248 28.49 16.83 15.04
CA TYR A 248 27.72 15.99 15.94
C TYR A 248 26.76 16.85 16.72
N LEU A 249 25.60 16.29 17.03
CA LEU A 249 24.65 16.98 17.88
C LEU A 249 24.71 16.34 19.25
N ASN A 250 24.89 17.16 20.28
CA ASN A 250 24.75 16.64 21.63
C ASN A 250 23.28 16.32 21.88
N LEU A 251 22.99 15.06 22.20
CA LEU A 251 21.62 14.67 22.46
C LEU A 251 21.12 14.99 23.88
N ASP A 252 21.98 15.54 24.76
CA ASP A 252 21.56 16.08 26.06
C ASP A 252 21.26 17.57 25.95
N THR A 253 22.28 18.34 25.55
CA THR A 253 22.25 19.79 25.61
C THR A 253 21.68 20.39 24.35
N TRP A 254 21.46 19.54 23.35
CA TRP A 254 21.00 19.92 22.02
C TRP A 254 21.89 21.02 21.42
N GLU A 255 23.19 20.89 21.65
CA GLU A 255 24.16 21.77 21.03
C GLU A 255 24.80 21.12 19.79
N TRP A 256 24.69 21.81 18.66
CA TRP A 256 25.36 21.40 17.41
C TRP A 256 26.84 21.80 17.42
N ASN A 257 27.72 20.83 17.15
CA ASN A 257 29.14 21.11 17.04
C ASN A 257 29.75 20.66 15.69
N GLU A 258 30.42 21.58 15.00
CA GLU A 258 31.23 21.18 13.85
C GLU A 258 32.60 20.69 14.31
N LEU A 259 33.00 19.54 13.76
CA LEU A 259 34.27 18.93 14.03
C LEU A 259 35.20 19.21 12.86
N ILE A 260 36.46 19.55 13.15
CA ILE A 260 37.45 19.90 12.12
C ILE A 260 38.72 19.06 12.28
N PRO A 261 38.70 17.83 11.75
CA PRO A 261 39.85 16.94 11.96
C PRO A 261 41.17 17.46 11.40
N GLN A 262 42.24 17.05 12.05
CA GLN A 262 43.59 17.37 11.61
C GLN A 262 43.96 16.50 10.41
N GLY A 263 44.40 17.13 9.32
CA GLY A 263 44.96 16.42 8.19
C GLY A 263 43.96 15.92 7.17
N ILE A 264 44.29 14.80 6.53
CA ILE A 264 43.50 14.24 5.43
C ILE A 264 42.10 13.82 5.87
N CYS A 265 41.11 14.21 5.08
CA CYS A 265 39.74 13.80 5.36
C CYS A 265 39.22 13.03 4.16
N PRO A 266 38.21 12.16 4.37
CA PRO A 266 37.61 11.46 3.23
C PRO A 266 37.07 12.47 2.21
N VAL A 267 37.01 12.08 0.95
CA VAL A 267 36.37 12.89 -0.07
C VAL A 267 34.87 13.08 0.21
N GLY A 268 34.32 14.22 -0.19
CA GLY A 268 32.90 14.47 -0.06
C GLY A 268 32.08 13.34 -0.67
N ARG A 269 30.96 12.98 -0.04
CA ARG A 269 30.16 11.86 -0.53
C ARG A 269 28.73 11.82 0.00
N SER A 270 27.87 11.13 -0.73
CA SER A 270 26.55 10.77 -0.20
C SER A 270 26.35 9.27 -0.40
N TRP A 271 25.27 8.73 0.18
CA TRP A 271 24.92 7.32 0.03
C TRP A 271 25.99 6.38 0.60
N HIS A 272 26.76 6.93 1.53
CA HIS A 272 27.79 6.22 2.27
C HIS A 272 27.23 5.65 3.57
N SER A 273 27.99 4.78 4.23
CA SER A 273 27.55 4.25 5.53
C SER A 273 28.51 4.67 6.64
N LEU A 274 27.95 5.05 7.78
CA LEU A 274 28.73 5.47 8.94
C LEU A 274 28.36 4.67 10.18
N THR A 275 29.32 3.92 10.72
CA THR A 275 29.08 2.87 11.72
C THR A 275 29.93 2.96 12.97
N PRO A 276 29.31 3.09 14.16
CA PRO A 276 30.11 3.02 15.38
C PRO A 276 30.66 1.62 15.56
N VAL A 277 31.94 1.48 15.87
CA VAL A 277 32.50 0.16 16.07
C VAL A 277 33.08 0.05 17.47
N SER A 278 33.23 1.19 18.14
CA SER A 278 33.67 1.24 19.52
C SER A 278 33.11 2.51 20.15
N SER A 279 33.41 2.73 21.42
CA SER A 279 33.03 3.98 22.07
C SER A 279 33.83 5.14 21.49
N ASP A 280 34.83 4.83 20.68
CA ASP A 280 35.75 5.85 20.22
C ASP A 280 35.92 5.93 18.68
N HIS A 281 35.37 4.96 17.94
CA HIS A 281 35.64 4.89 16.49
C HIS A 281 34.38 4.74 15.61
N LEU A 282 34.28 5.58 14.60
CA LEU A 282 33.18 5.50 13.64
C LEU A 282 33.72 4.97 12.32
N PHE A 283 33.10 3.92 11.78
CA PHE A 283 33.61 3.30 10.57
C PHE A 283 32.81 3.66 9.33
N LEU A 284 33.51 4.28 8.38
CA LEU A 284 32.89 4.85 7.21
C LEU A 284 33.24 4.03 5.98
N PHE A 285 32.26 3.72 5.15
CA PHE A 285 32.57 3.07 3.88
C PHE A 285 31.70 3.52 2.69
N GLY A 286 32.34 3.60 1.53
CA GLY A 286 31.65 3.71 0.26
C GLY A 286 31.03 5.05 -0.02
N GLY A 287 29.97 5.04 -0.80
CA GLY A 287 29.27 6.25 -1.16
C GLY A 287 29.54 6.71 -2.56
N PHE A 288 29.26 7.98 -2.81
CA PHE A 288 29.12 8.52 -4.15
C PHE A 288 29.60 9.99 -4.15
N THR A 289 30.60 10.32 -4.96
CA THR A 289 31.13 11.69 -4.95
C THR A 289 30.34 12.69 -5.80
N THR A 290 30.64 13.96 -5.61
CA THR A 290 30.10 15.05 -6.40
C THR A 290 30.26 14.82 -7.90
N ASP A 291 31.45 14.34 -8.29
CA ASP A 291 31.78 14.03 -9.68
C ASP A 291 31.33 12.62 -10.07
N LYS A 292 30.40 12.08 -9.28
CA LYS A 292 29.71 10.82 -9.59
C LYS A 292 30.64 9.62 -9.63
N GLN A 293 31.64 9.60 -8.75
CA GLN A 293 32.50 8.44 -8.57
C GLN A 293 31.93 7.52 -7.50
N PRO A 294 31.84 6.22 -7.82
CA PRO A 294 31.47 5.22 -6.82
C PRO A 294 32.64 4.89 -5.91
N LEU A 295 32.42 4.91 -4.60
CA LEU A 295 33.50 4.85 -3.61
C LEU A 295 33.67 3.49 -2.95
N SER A 296 34.94 3.08 -2.80
CA SER A 296 35.31 1.80 -2.20
C SER A 296 36.28 1.96 -1.05
N ASP A 297 36.57 3.21 -0.70
CA ASP A 297 37.51 3.47 0.39
C ASP A 297 36.83 3.36 1.75
N ALA A 298 37.56 2.84 2.72
CA ALA A 298 37.03 2.72 4.05
C ALA A 298 37.91 3.53 4.97
N TRP A 299 37.30 4.15 5.99
CA TRP A 299 38.00 4.95 6.97
C TRP A 299 37.41 4.70 8.35
N THR A 300 38.19 4.96 9.40
CA THR A 300 37.62 5.07 10.74
C THR A 300 37.80 6.50 11.20
N TYR A 301 36.76 7.09 11.76
CA TYR A 301 36.91 8.36 12.42
C TYR A 301 37.21 8.10 13.89
N CYS A 302 38.39 8.50 14.34
CA CYS A 302 38.72 8.43 15.75
C CYS A 302 38.14 9.64 16.46
N ILE A 303 37.22 9.41 17.38
CA ILE A 303 36.58 10.51 18.10
C ILE A 303 37.52 11.21 19.09
N SER A 304 38.27 10.42 19.85
CA SER A 304 39.17 10.96 20.87
C SER A 304 40.28 11.76 20.21
N LYS A 305 40.82 11.21 19.14
CA LYS A 305 41.90 11.85 18.40
C LYS A 305 41.40 12.93 17.43
N ASN A 306 40.12 12.87 17.04
CA ASN A 306 39.55 13.81 16.07
C ASN A 306 40.33 13.71 14.77
N GLU A 307 40.49 12.49 14.30
CA GLU A 307 41.34 12.22 13.17
C GLU A 307 40.77 11.07 12.35
N TRP A 308 40.89 11.17 11.03
CA TRP A 308 40.50 10.05 10.18
C TRP A 308 41.66 9.11 9.93
N ILE A 309 41.35 7.84 9.78
CA ILE A 309 42.34 6.81 9.46
C ILE A 309 41.80 5.93 8.36
N GLN A 310 42.43 5.99 7.19
CA GLN A 310 41.98 5.17 6.08
C GLN A 310 42.23 3.72 6.41
N PHE A 311 41.20 2.92 6.21
CA PHE A 311 41.23 1.51 6.59
C PHE A 311 41.47 0.70 5.32
N ASN A 312 42.52 -0.11 5.32
CA ASN A 312 42.81 -0.96 4.16
C ASN A 312 42.09 -2.29 4.29
N HIS A 313 41.56 -2.77 3.17
CA HIS A 313 40.64 -3.91 3.16
C HIS A 313 40.65 -4.62 1.80
N PRO A 314 40.16 -5.86 1.73
CA PRO A 314 40.22 -6.61 0.47
C PRO A 314 39.19 -6.22 -0.58
N TYR A 315 38.31 -5.27 -0.29
CA TYR A 315 37.15 -4.99 -1.15
C TYR A 315 37.28 -3.74 -1.99
N THR A 316 38.49 -3.46 -2.46
CA THR A 316 38.73 -2.21 -3.15
C THR A 316 38.16 -2.24 -4.57
N GLU A 317 37.90 -3.42 -5.08
CA GLU A 317 37.23 -3.55 -6.38
C GLU A 317 35.70 -3.53 -6.20
N LYS A 318 35.24 -3.41 -4.96
CA LYS A 318 33.81 -3.42 -4.71
C LYS A 318 33.30 -2.11 -4.11
N PRO A 319 33.29 -1.05 -4.92
CA PRO A 319 32.69 0.19 -4.41
C PRO A 319 31.20 0.01 -4.19
N ARG A 320 30.63 0.65 -3.18
CA ARG A 320 29.20 0.52 -2.94
C ARG A 320 28.56 1.87 -2.66
N LEU A 321 27.27 1.93 -2.83
CA LEU A 321 26.48 3.07 -2.51
C LEU A 321 25.02 2.73 -2.27
N TRP A 322 24.42 3.41 -1.30
CA TRP A 322 23.08 3.14 -0.82
C TRP A 322 22.96 1.71 -0.32
N HIS A 323 24.08 1.21 0.16
CA HIS A 323 24.16 -0.04 0.87
C HIS A 323 23.84 0.21 2.32
N THR A 324 23.85 -0.82 3.13
CA THR A 324 23.71 -0.69 4.55
C THR A 324 24.90 -1.29 5.24
N ALA A 325 25.16 -0.82 6.45
CA ALA A 325 26.23 -1.33 7.32
C ALA A 325 25.69 -1.56 8.71
N CYS A 326 26.12 -2.63 9.34
CA CYS A 326 25.71 -2.97 10.69
C CYS A 326 26.89 -3.56 11.40
N ALA A 327 27.11 -3.21 12.65
CA ALA A 327 28.18 -3.78 13.41
C ALA A 327 27.79 -5.10 14.04
N SER A 328 28.71 -6.04 14.06
CA SER A 328 28.59 -7.28 14.80
C SER A 328 29.14 -7.13 16.20
N ASP A 329 28.73 -8.01 17.10
CA ASP A 329 29.13 -7.99 18.49
C ASP A 329 30.56 -8.42 18.55
N GLU A 330 30.99 -9.26 17.62
CA GLU A 330 32.34 -9.74 17.60
C GLU A 330 33.33 -8.60 17.40
N GLY A 331 33.10 -7.81 16.36
CA GLY A 331 33.89 -6.63 16.09
C GLY A 331 33.88 -6.29 14.62
N GLU A 332 32.84 -6.65 13.90
CA GLU A 332 32.80 -6.40 12.48
C GLU A 332 31.76 -5.42 11.99
N VAL A 333 31.91 -5.04 10.75
CA VAL A 333 30.94 -4.25 10.08
C VAL A 333 30.51 -5.04 8.86
N ILE A 334 29.23 -5.32 8.80
CA ILE A 334 28.62 -6.02 7.70
C ILE A 334 27.97 -5.08 6.68
N VAL A 335 28.63 -4.96 5.55
CA VAL A 335 28.04 -4.21 4.45
C VAL A 335 27.18 -5.15 3.62
N PHE A 336 25.90 -4.81 3.48
CA PHE A 336 25.06 -5.54 2.55
C PHE A 336 24.50 -4.65 1.43
N GLY A 337 24.47 -5.21 0.23
CA GLY A 337 23.71 -4.64 -0.85
C GLY A 337 24.26 -3.34 -1.36
N GLY A 338 23.36 -2.54 -1.95
CA GLY A 338 23.75 -1.31 -2.59
C GLY A 338 24.19 -1.54 -4.01
N CYS A 339 24.55 -0.44 -4.66
CA CYS A 339 24.91 -0.44 -6.08
C CYS A 339 26.42 -0.22 -6.26
N ALA A 340 26.98 -0.73 -7.35
CA ALA A 340 28.42 -0.73 -7.56
C ALA A 340 28.89 0.41 -8.45
N ASN A 341 27.99 0.91 -9.29
CA ASN A 341 28.31 1.98 -10.22
C ASN A 341 27.33 3.12 -10.01
N ASN A 342 27.25 4.05 -10.96
CA ASN A 342 26.31 5.16 -10.81
C ASN A 342 24.88 4.67 -10.96
N LEU A 343 24.13 4.68 -9.85
CA LEU A 343 22.76 4.21 -9.88
C LEU A 343 21.87 5.18 -10.63
N LEU A 344 22.35 6.41 -10.80
CA LEU A 344 21.55 7.37 -11.56
C LEU A 344 21.42 6.97 -13.03
N VAL A 345 22.31 6.11 -13.53
CA VAL A 345 22.06 5.49 -14.83
C VAL A 345 21.31 4.21 -14.57
N HIS A 346 19.99 4.30 -14.53
CA HIS A 346 19.14 3.24 -13.99
C HIS A 346 19.27 1.93 -14.77
N HIS A 347 19.28 2.03 -16.10
CA HIS A 347 19.30 0.86 -16.96
C HIS A 347 20.65 0.15 -16.98
N ARG A 348 21.64 0.72 -16.28
CA ARG A 348 22.96 0.12 -16.21
C ARG A 348 23.36 -0.20 -14.77
N ALA A 349 22.52 0.19 -13.81
CA ALA A 349 22.85 0.09 -12.40
C ALA A 349 23.23 -1.33 -12.03
N ALA A 350 24.33 -1.48 -11.29
CA ALA A 350 24.75 -2.79 -10.80
C ALA A 350 24.37 -2.97 -9.32
N HIS A 351 23.13 -3.37 -9.05
CA HIS A 351 22.67 -3.58 -7.67
C HIS A 351 23.16 -4.93 -7.15
N SER A 352 23.42 -5.01 -5.84
CA SER A 352 24.19 -6.13 -5.30
C SER A 352 23.50 -6.82 -4.11
N ASN A 353 23.82 -8.10 -3.91
CA ASN A 353 23.32 -8.81 -2.74
C ASN A 353 24.48 -9.38 -1.96
N GLU A 354 25.65 -8.87 -2.28
CA GLU A 354 26.87 -9.25 -1.57
C GLU A 354 26.89 -8.80 -0.13
N ILE A 355 27.51 -9.62 0.70
CA ILE A 355 27.94 -9.26 2.04
C ILE A 355 29.44 -8.97 2.04
N LEU A 356 29.82 -7.77 2.45
CA LEU A 356 31.22 -7.44 2.63
C LEU A 356 31.51 -7.41 4.13
N ILE A 357 32.60 -8.03 4.53
CA ILE A 357 32.88 -8.08 5.95
C ILE A 357 34.22 -7.42 6.29
N PHE A 358 34.15 -6.32 7.01
CA PHE A 358 35.35 -5.61 7.46
C PHE A 358 35.68 -5.99 8.89
N SER A 359 36.91 -6.46 9.12
CA SER A 359 37.39 -6.69 10.49
C SER A 359 37.96 -5.39 11.07
N VAL A 360 37.18 -4.70 11.89
CA VAL A 360 37.58 -3.39 12.37
C VAL A 360 38.19 -3.47 13.77
N ALA B 28 -13.99 19.44 -7.59
CA ALA B 28 -15.32 19.11 -7.08
C ALA B 28 -16.07 18.26 -8.08
N CYS B 29 -15.42 17.18 -8.54
CA CYS B 29 -16.02 16.19 -9.42
C CYS B 29 -15.04 15.04 -9.54
N PRO B 30 -15.46 13.83 -9.16
CA PRO B 30 -14.52 12.71 -9.17
C PRO B 30 -14.15 12.28 -10.59
N ALA B 31 -12.88 11.97 -10.81
CA ALA B 31 -12.39 11.50 -12.09
C ALA B 31 -13.13 10.24 -12.51
N GLU B 32 -13.21 10.01 -13.81
CA GLU B 32 -13.85 8.82 -14.35
C GLU B 32 -13.19 7.57 -13.84
N ARG B 33 -13.90 6.44 -13.91
CA ARG B 33 -13.43 5.20 -13.32
C ARG B 33 -14.37 4.02 -13.57
N SER B 34 -13.77 2.84 -13.56
CA SER B 34 -14.53 1.61 -13.57
C SER B 34 -13.98 0.69 -12.50
N GLY B 35 -14.78 -0.26 -12.06
CA GLY B 35 -14.31 -1.23 -11.10
C GLY B 35 -14.28 -0.70 -9.68
N HIS B 36 -14.95 0.42 -9.47
CA HIS B 36 -15.00 1.09 -8.17
C HIS B 36 -16.12 0.51 -7.31
N VAL B 37 -16.26 1.07 -6.11
CA VAL B 37 -17.37 0.70 -5.24
C VAL B 37 -18.20 1.92 -4.93
N ALA B 38 -19.51 1.69 -4.80
CA ALA B 38 -20.44 2.73 -4.40
C ALA B 38 -21.48 2.16 -3.47
N VAL B 39 -21.49 2.65 -2.24
CA VAL B 39 -22.51 2.27 -1.27
C VAL B 39 -23.28 3.52 -0.82
N SER B 40 -24.51 3.31 -0.40
CA SER B 40 -25.43 4.38 -0.09
C SER B 40 -26.13 4.15 1.24
N ASP B 41 -26.50 5.25 1.86
CA ASP B 41 -27.35 5.20 3.02
C ASP B 41 -28.78 5.49 2.59
N GLY B 42 -28.96 5.83 1.33
CA GLY B 42 -30.25 6.24 0.85
C GLY B 42 -30.18 7.69 0.45
N ARG B 43 -29.28 8.42 1.07
CA ARG B 43 -29.10 9.81 0.78
C ARG B 43 -27.69 10.14 0.32
N HIS B 44 -26.70 9.56 0.94
CA HIS B 44 -25.34 9.79 0.56
C HIS B 44 -24.72 8.61 -0.10
N MET B 45 -24.03 8.84 -1.20
CA MET B 45 -23.42 7.73 -1.92
C MET B 45 -21.91 7.82 -1.84
N PHE B 46 -21.29 6.77 -1.30
CA PHE B 46 -19.85 6.76 -1.05
C PHE B 46 -19.10 5.97 -2.11
N VAL B 47 -18.16 6.65 -2.77
CA VAL B 47 -17.40 6.07 -3.86
C VAL B 47 -15.94 5.98 -3.53
N TRP B 48 -15.34 4.85 -3.84
CA TRP B 48 -13.92 4.64 -3.57
C TRP B 48 -13.30 3.74 -4.63
N GLY B 49 -12.04 3.99 -4.96
CA GLY B 49 -11.31 3.06 -5.80
C GLY B 49 -11.64 3.07 -7.29
N GLY B 50 -11.47 1.92 -7.91
CA GLY B 50 -11.58 1.78 -9.35
C GLY B 50 -10.27 2.14 -10.05
N TYR B 51 -10.25 2.01 -11.36
CA TYR B 51 -9.10 2.37 -12.17
C TYR B 51 -9.61 3.18 -13.37
N LYS B 52 -8.68 3.79 -14.12
CA LYS B 52 -8.98 4.51 -15.37
C LYS B 52 -7.76 4.40 -16.30
N SER B 53 -7.83 5.04 -17.47
CA SER B 53 -6.61 5.29 -18.25
C SER B 53 -6.40 6.78 -18.52
N PHE B 62 -4.42 3.36 -14.78
CA PHE B 62 -3.93 3.07 -13.43
C PHE B 62 -4.99 3.34 -12.36
N TYR B 63 -4.65 3.05 -11.10
CA TYR B 63 -5.59 3.13 -10.00
C TYR B 63 -5.86 4.54 -9.52
N LEU B 64 -7.10 4.79 -9.07
CA LEU B 64 -7.43 6.09 -8.51
C LEU B 64 -7.00 6.11 -7.05
N PRO B 65 -6.67 7.30 -6.52
CA PRO B 65 -6.02 7.42 -5.20
C PRO B 65 -6.75 6.70 -4.09
N ARG B 66 -6.04 5.85 -3.36
CA ARG B 66 -6.62 5.02 -2.30
C ARG B 66 -7.25 5.82 -1.16
N GLU B 67 -6.75 7.04 -0.95
CA GLU B 67 -7.12 7.79 0.25
C GLU B 67 -8.34 8.65 0.04
N GLU B 68 -8.68 8.91 -1.21
CA GLU B 68 -9.85 9.73 -1.52
C GLU B 68 -11.17 8.97 -1.31
N LEU B 69 -12.07 9.59 -0.56
CA LEU B 69 -13.45 9.13 -0.51
C LEU B 69 -14.34 10.22 -1.08
N TRP B 70 -15.16 9.87 -2.05
CA TRP B 70 -16.05 10.85 -2.68
C TRP B 70 -17.48 10.64 -2.22
N ILE B 71 -18.11 11.72 -1.75
CA ILE B 71 -19.47 11.61 -1.27
C ILE B 71 -20.39 12.34 -2.22
N TYR B 72 -21.44 11.67 -2.64
CA TYR B 72 -22.38 12.26 -3.53
C TYR B 72 -23.72 12.43 -2.83
N ASN B 73 -24.17 13.66 -2.74
CA ASN B 73 -25.46 13.93 -2.16
C ASN B 73 -26.50 13.73 -3.19
N MET B 74 -27.30 12.73 -2.97
CA MET B 74 -28.22 12.21 -3.94
C MET B 74 -29.28 13.15 -4.36
N THR B 76 -28.85 16.80 -3.63
CA THR B 76 -28.38 18.08 -4.02
C THR B 76 -27.73 17.92 -5.35
N GLY B 77 -27.13 16.76 -5.58
CA GLY B 77 -26.44 16.49 -6.80
C GLY B 77 -25.01 16.93 -6.74
N ARG B 78 -24.53 17.22 -5.54
CA ARG B 78 -23.20 17.72 -5.39
C ARG B 78 -22.22 16.74 -4.81
N TRP B 79 -20.99 16.85 -5.29
CA TRP B 79 -19.91 16.00 -4.88
C TRP B 79 -19.03 16.67 -3.84
N LYS B 80 -18.56 15.89 -2.91
CA LYS B 80 -17.62 16.35 -1.91
C LYS B 80 -16.53 15.29 -1.77
N LYS B 81 -15.28 15.73 -1.86
CA LYS B 81 -14.13 14.84 -1.65
C LYS B 81 -13.64 14.88 -0.21
N ILE B 82 -13.26 13.71 0.30
CA ILE B 82 -12.61 13.65 1.60
C ILE B 82 -11.37 12.76 1.49
N ASN B 83 -10.33 13.09 2.28
CA ASN B 83 -9.14 12.27 2.38
C ASN B 83 -9.15 11.42 3.65
N THR B 84 -9.04 10.11 3.52
CA THR B 84 -9.10 9.21 4.67
C THR B 84 -7.73 8.82 5.18
N GLU B 85 -7.66 8.49 6.47
CA GLU B 85 -6.44 8.02 7.13
C GLU B 85 -6.65 6.61 7.68
N GLY B 86 -5.77 6.21 8.59
CA GLY B 86 -5.88 4.91 9.23
C GLY B 86 -5.18 3.85 8.40
N ASP B 87 -5.75 2.65 8.39
CA ASP B 87 -5.26 1.57 7.54
C ASP B 87 -5.87 1.66 6.13
N VAL B 88 -5.52 2.69 5.38
CA VAL B 88 -6.07 2.88 4.04
C VAL B 88 -5.83 1.67 3.14
N PRO B 89 -6.90 1.10 2.60
CA PRO B 89 -6.73 -0.12 1.80
C PRO B 89 -5.99 0.24 0.50
N PRO B 90 -5.29 -0.71 -0.14
CA PRO B 90 -4.56 -0.42 -1.39
C PRO B 90 -5.51 0.06 -2.46
N SER B 91 -5.01 0.71 -3.50
CA SER B 91 -5.89 1.12 -4.57
C SER B 91 -6.32 -0.13 -5.32
N MET B 92 -7.62 -0.26 -5.57
CA MET B 92 -8.13 -1.52 -6.07
C MET B 92 -9.27 -1.37 -7.05
N SER B 93 -9.44 -2.39 -7.88
CA SER B 93 -10.62 -2.59 -8.69
C SER B 93 -11.28 -3.86 -8.20
N GLY B 94 -12.59 -3.96 -8.41
CA GLY B 94 -13.33 -5.16 -8.09
C GLY B 94 -13.58 -5.47 -6.62
N SER B 95 -13.32 -4.49 -5.76
CA SER B 95 -13.60 -4.66 -4.35
C SER B 95 -15.10 -4.79 -4.14
N CYS B 96 -15.48 -5.34 -3.00
CA CYS B 96 -16.87 -5.52 -2.67
C CYS B 96 -17.20 -4.72 -1.40
N ALA B 97 -18.14 -3.79 -1.47
CA ALA B 97 -18.43 -2.92 -0.31
C ALA B 97 -19.91 -2.89 0.11
N VAL B 98 -20.15 -2.65 1.40
CA VAL B 98 -21.50 -2.39 1.88
C VAL B 98 -21.52 -1.19 2.80
N CYS B 99 -22.68 -0.54 2.86
CA CYS B 99 -22.94 0.46 3.88
C CYS B 99 -23.93 -0.10 4.90
N VAL B 100 -23.51 -0.28 6.13
CA VAL B 100 -24.45 -0.68 7.19
C VAL B 100 -24.36 0.33 8.33
N ASP B 101 -25.46 1.03 8.59
CA ASP B 101 -25.51 2.08 9.62
C ASP B 101 -24.37 3.09 9.46
N ARG B 102 -24.20 3.63 8.26
CA ARG B 102 -23.10 4.55 7.94
C ARG B 102 -21.71 4.01 8.30
N VAL B 103 -21.60 2.70 8.47
CA VAL B 103 -20.30 2.06 8.62
C VAL B 103 -20.02 1.31 7.31
N LEU B 104 -18.90 1.62 6.67
CA LEU B 104 -18.61 1.03 5.35
C LEU B 104 -17.74 -0.17 5.53
N TYR B 105 -18.06 -1.27 4.86
CA TYR B 105 -17.21 -2.45 4.91
C TYR B 105 -16.75 -2.74 3.49
N LEU B 106 -15.47 -3.12 3.36
CA LEU B 106 -14.83 -3.39 2.09
C LEU B 106 -14.13 -4.74 2.15
N PHE B 107 -14.45 -5.63 1.22
CA PHE B 107 -13.73 -6.89 1.13
C PHE B 107 -13.13 -7.05 -0.25
N GLY B 108 -11.96 -7.69 -0.30
CA GLY B 108 -11.34 -8.18 -1.53
C GLY B 108 -11.08 -7.16 -2.62
N GLY B 109 -10.92 -7.62 -3.82
CA GLY B 109 -10.50 -6.76 -4.91
C GLY B 109 -9.13 -7.11 -5.46
N HIS B 110 -8.61 -6.23 -6.27
CA HIS B 110 -7.38 -6.45 -6.95
C HIS B 110 -6.58 -5.15 -6.94
N HIS B 111 -5.34 -5.24 -6.52
CA HIS B 111 -4.43 -4.11 -6.55
C HIS B 111 -3.20 -4.44 -7.34
N SER B 112 -2.19 -3.61 -7.23
CA SER B 112 -0.90 -3.81 -7.89
C SER B 112 -0.35 -5.23 -7.90
N ARG B 113 -0.44 -5.90 -6.78
CA ARG B 113 0.11 -7.22 -6.65
C ARG B 113 -0.91 -8.35 -6.49
N GLY B 114 -2.09 -8.16 -7.04
CA GLY B 114 -3.04 -9.23 -7.14
C GLY B 114 -4.24 -9.09 -6.27
N ASN B 115 -4.97 -10.19 -6.11
CA ASN B 115 -6.20 -10.18 -5.35
C ASN B 115 -5.94 -10.20 -3.87
N THR B 116 -6.94 -9.85 -3.11
CA THR B 116 -6.81 -9.84 -1.67
C THR B 116 -8.05 -10.45 -1.02
N ASN B 117 -7.90 -10.87 0.23
CA ASN B 117 -9.03 -11.28 1.05
C ASN B 117 -9.05 -10.46 2.33
N LYS B 118 -8.57 -9.22 2.24
CA LYS B 118 -8.56 -8.33 3.40
C LYS B 118 -9.92 -7.67 3.59
N PHE B 119 -10.23 -7.41 4.85
CA PHE B 119 -11.51 -6.80 5.23
C PHE B 119 -11.25 -5.48 5.92
N TYR B 120 -11.88 -4.42 5.42
CA TYR B 120 -11.71 -3.09 6.01
C TYR B 120 -13.03 -2.52 6.46
N MET B 121 -12.94 -1.63 7.42
CA MET B 121 -14.09 -0.93 7.93
C MET B 121 -13.78 0.57 7.98
N LEU B 122 -14.76 1.38 7.60
CA LEU B 122 -14.69 2.81 7.82
C LEU B 122 -16.03 3.34 8.34
N ASP B 123 -16.02 3.85 9.56
CA ASP B 123 -17.20 4.51 10.09
C ASP B 123 -17.29 5.91 9.51
N SER B 124 -18.40 6.22 8.87
CA SER B 124 -18.55 7.53 8.25
C SER B 124 -19.44 8.44 9.08
N ARG B 125 -19.43 8.26 10.41
CA ARG B 125 -20.27 9.04 11.31
C ARG B 125 -19.49 10.13 12.05
N ARG B 129 -13.44 15.72 12.64
CA ARG B 129 -13.06 14.32 12.79
C ARG B 129 -12.89 13.67 11.42
N VAL B 130 -11.66 13.36 11.06
CA VAL B 130 -11.37 12.84 9.75
C VAL B 130 -11.45 11.32 9.75
N LEU B 131 -11.97 10.74 8.68
CA LEU B 131 -12.36 9.36 8.69
C LEU B 131 -11.21 8.45 8.61
N GLN B 132 -11.21 7.42 9.43
CA GLN B 132 -10.14 6.47 9.42
C GLN B 132 -10.53 5.08 8.96
N TRP B 133 -9.65 4.51 8.19
CA TRP B 133 -9.80 3.16 7.78
C TRP B 133 -9.24 2.31 8.84
N GLU B 134 -9.91 1.21 9.09
CA GLU B 134 -9.45 0.17 9.97
C GLU B 134 -9.53 -1.17 9.32
N ARG B 135 -8.40 -1.82 9.20
CA ARG B 135 -8.34 -3.16 8.70
C ARG B 135 -8.65 -4.11 9.84
N ILE B 136 -9.58 -5.02 9.63
CA ILE B 136 -9.99 -5.88 10.73
C ILE B 136 -9.31 -7.23 10.64
N ASP B 137 -8.57 -7.61 11.68
CA ASP B 137 -8.09 -8.98 11.78
C ASP B 137 -9.27 -9.85 12.17
N CYS B 138 -9.85 -10.52 11.19
CA CYS B 138 -11.04 -11.32 11.40
C CYS B 138 -10.68 -12.69 11.94
N GLN B 139 -11.58 -13.28 12.72
CA GLN B 139 -11.42 -14.66 13.12
C GLN B 139 -11.95 -15.55 12.00
N GLY B 140 -11.66 -16.84 12.09
CA GLY B 140 -12.15 -17.82 11.13
C GLY B 140 -11.32 -17.91 9.87
N ILE B 141 -11.71 -18.83 8.98
CA ILE B 141 -11.01 -18.99 7.71
C ILE B 141 -11.58 -18.02 6.69
N PRO B 142 -10.78 -16.99 6.30
CA PRO B 142 -11.26 -16.00 5.33
C PRO B 142 -11.61 -16.63 3.99
N PRO B 143 -12.34 -15.91 3.13
CA PRO B 143 -12.46 -16.39 1.76
C PRO B 143 -11.10 -16.35 1.08
N SER B 144 -10.93 -17.11 0.01
CA SER B 144 -9.74 -16.99 -0.82
C SER B 144 -9.64 -15.56 -1.31
N SER B 145 -8.48 -15.15 -1.76
CA SER B 145 -8.27 -13.79 -2.25
C SER B 145 -8.93 -13.62 -3.64
N LYS B 146 -9.74 -12.58 -3.81
CA LYS B 146 -10.59 -12.47 -5.00
C LYS B 146 -11.19 -11.08 -5.27
N ASP B 147 -11.63 -10.87 -6.51
CA ASP B 147 -12.42 -9.69 -6.83
C ASP B 147 -13.71 -10.05 -7.57
N LYS B 148 -14.49 -9.06 -7.92
CA LYS B 148 -15.67 -9.19 -8.75
C LYS B 148 -16.73 -10.18 -8.25
N LEU B 149 -17.10 -10.06 -6.99
CA LEU B 149 -18.03 -10.93 -6.33
C LEU B 149 -19.24 -10.09 -5.98
N GLY B 150 -20.04 -10.54 -5.04
CA GLY B 150 -21.17 -9.81 -4.57
C GLY B 150 -21.35 -10.07 -3.11
N VAL B 151 -22.18 -9.26 -2.49
CA VAL B 151 -22.51 -9.35 -1.10
C VAL B 151 -23.99 -9.07 -0.84
N TRP B 152 -24.57 -9.87 0.02
CA TRP B 152 -25.84 -9.63 0.62
C TRP B 152 -25.66 -9.28 2.11
N VAL B 153 -26.48 -8.40 2.61
CA VAL B 153 -26.45 -8.01 4.01
C VAL B 153 -27.72 -8.50 4.67
N TYR B 154 -27.60 -9.19 5.80
CA TYR B 154 -28.77 -9.68 6.49
C TYR B 154 -28.49 -9.78 7.99
N LYS B 155 -29.14 -8.90 8.76
CA LYS B 155 -28.91 -8.74 10.20
C LYS B 155 -27.44 -8.37 10.42
N ASN B 156 -26.75 -9.11 11.27
CA ASN B 156 -25.34 -8.88 11.55
C ASN B 156 -24.42 -9.50 10.50
N LYS B 157 -25.00 -10.34 9.63
CA LYS B 157 -24.17 -11.07 8.68
C LYS B 157 -23.98 -10.29 7.36
N LEU B 158 -22.72 -10.28 6.92
CA LEU B 158 -22.33 -9.90 5.56
C LEU B 158 -22.02 -11.20 4.83
N ILE B 159 -22.81 -11.50 3.81
CA ILE B 159 -22.73 -12.79 3.14
C ILE B 159 -22.17 -12.58 1.73
N PHE B 160 -21.00 -13.14 1.48
CA PHE B 160 -20.29 -12.93 0.21
C PHE B 160 -20.40 -14.15 -0.70
N PHE B 161 -20.50 -13.89 -2.01
CA PHE B 161 -20.70 -14.96 -2.97
C PHE B 161 -19.87 -14.80 -4.23
N GLY B 162 -19.17 -15.86 -4.60
CA GLY B 162 -18.46 -15.96 -5.85
C GLY B 162 -17.25 -15.06 -5.97
N GLY B 163 -16.92 -14.70 -7.20
CA GLY B 163 -15.80 -13.81 -7.44
C GLY B 163 -14.71 -14.53 -8.19
N TYR B 164 -13.54 -13.92 -8.26
CA TYR B 164 -12.49 -14.38 -9.15
C TYR B 164 -11.09 -14.11 -8.59
N GLY B 165 -10.25 -15.14 -8.59
CA GLY B 165 -8.90 -15.00 -8.08
C GLY B 165 -8.26 -16.36 -7.94
N TYR B 166 -7.42 -16.54 -6.92
CA TYR B 166 -6.58 -17.74 -6.81
C TYR B 166 -7.35 -18.96 -6.35
N LEU B 167 -6.70 -20.08 -6.58
CA LEU B 167 -7.03 -21.33 -5.95
C LEU B 167 -7.15 -21.11 -4.45
N PRO B 168 -8.18 -21.67 -3.81
CA PRO B 168 -8.33 -21.46 -2.37
C PRO B 168 -7.14 -22.01 -1.56
N LYS B 171 -8.96 -24.50 3.13
CA LYS B 171 -10.09 -25.42 3.23
C LYS B 171 -11.40 -24.66 3.04
N VAL B 172 -12.19 -25.06 2.05
CA VAL B 172 -13.36 -24.25 1.74
C VAL B 172 -14.53 -25.12 1.33
N LEU B 173 -15.74 -24.64 1.60
CA LEU B 173 -16.93 -25.30 1.06
C LEU B 173 -17.34 -24.61 -0.22
N GLY B 174 -17.63 -25.41 -1.24
CA GLY B 174 -18.01 -24.88 -2.53
C GLY B 174 -17.08 -25.42 -3.59
N THR B 175 -17.13 -24.83 -4.77
CA THR B 175 -16.27 -25.27 -5.84
C THR B 175 -15.47 -24.13 -6.44
N PHE B 176 -14.47 -24.51 -7.21
CA PHE B 176 -13.56 -23.59 -7.85
C PHE B 176 -13.25 -24.13 -9.25
N GLU B 177 -13.16 -23.23 -10.23
CA GLU B 177 -12.91 -23.61 -11.61
C GLU B 177 -11.90 -22.68 -12.26
N PHE B 178 -10.82 -23.24 -12.76
CA PHE B 178 -9.76 -22.43 -13.34
C PHE B 178 -10.16 -21.72 -14.64
N ASP B 179 -9.58 -20.57 -14.85
CA ASP B 179 -9.69 -19.83 -16.09
C ASP B 179 -8.45 -20.06 -16.90
N GLU B 180 -8.60 -20.80 -17.98
CA GLU B 180 -7.51 -21.16 -18.87
C GLU B 180 -6.81 -19.96 -19.46
N THR B 181 -7.51 -18.87 -19.68
CA THR B 181 -6.86 -17.65 -20.18
C THR B 181 -5.98 -16.95 -19.17
N SER B 182 -6.00 -17.38 -17.93
CA SER B 182 -5.08 -16.84 -16.94
C SER B 182 -3.80 -17.68 -16.88
N PHE B 183 -3.85 -18.90 -17.44
CA PHE B 183 -2.74 -19.84 -17.28
C PHE B 183 -1.44 -19.26 -17.85
N TRP B 184 -1.57 -18.48 -18.91
CA TRP B 184 -0.40 -17.98 -19.63
C TRP B 184 -0.30 -16.45 -19.56
N HIS B 188 0.92 -17.06 -11.64
CA HIS B 188 -0.10 -17.60 -10.74
C HIS B 188 -1.52 -17.53 -11.31
N PRO B 189 -2.13 -18.77 -11.58
CA PRO B 189 -3.41 -18.67 -12.29
C PRO B 189 -4.63 -18.49 -11.44
N ARG B 190 -5.75 -18.31 -12.10
CA ARG B 190 -6.91 -17.85 -11.43
C ARG B 190 -8.17 -18.58 -11.85
N GLY B 191 -9.26 -18.27 -11.21
CA GLY B 191 -10.51 -18.88 -11.54
C GLY B 191 -11.69 -18.40 -10.73
N TRP B 192 -12.85 -18.97 -11.02
CA TRP B 192 -14.12 -18.58 -10.44
C TRP B 192 -14.54 -19.53 -9.31
N ASN B 193 -15.30 -19.02 -8.36
CA ASN B 193 -15.77 -19.87 -7.29
C ASN B 193 -17.25 -19.59 -7.08
N ASP B 194 -17.94 -20.51 -6.43
CA ASP B 194 -19.30 -20.25 -6.00
C ASP B 194 -19.38 -20.20 -4.47
N HIS B 195 -18.24 -19.90 -3.85
CA HIS B 195 -18.16 -19.87 -2.39
C HIS B 195 -19.18 -18.94 -1.78
N VAL B 196 -19.74 -19.29 -0.66
CA VAL B 196 -20.59 -18.42 0.11
C VAL B 196 -19.96 -18.27 1.48
N HIS B 197 -19.71 -17.05 1.89
CA HIS B 197 -19.02 -16.78 3.13
C HIS B 197 -19.74 -15.77 3.95
N ILE B 198 -19.83 -16.04 5.23
CA ILE B 198 -20.38 -15.11 6.14
C ILE B 198 -19.31 -14.37 6.87
N LEU B 199 -19.52 -13.10 7.04
CA LEU B 199 -18.85 -12.39 8.06
C LEU B 199 -19.85 -11.94 9.10
N ASP B 200 -19.67 -12.47 10.28
CA ASP B 200 -20.48 -12.05 11.41
C ASP B 200 -19.91 -10.78 12.02
N THR B 201 -20.58 -9.65 11.84
CA THR B 201 -20.06 -8.40 12.41
C THR B 201 -20.26 -8.27 13.93
N GLU B 202 -20.79 -9.30 14.60
CA GLU B 202 -20.86 -9.23 16.06
C GLU B 202 -19.47 -9.53 16.64
N THR B 203 -18.73 -10.40 15.94
CA THR B 203 -17.44 -10.89 16.40
C THR B 203 -16.34 -10.77 15.35
N PHE B 204 -16.69 -10.31 14.15
CA PHE B 204 -15.79 -10.29 13.01
C PHE B 204 -15.10 -11.64 12.81
N THR B 205 -15.93 -12.62 12.51
CA THR B 205 -15.49 -14.00 12.34
C THR B 205 -16.07 -14.56 11.04
N TRP B 206 -15.22 -15.16 10.23
CA TRP B 206 -15.68 -15.84 9.03
C TRP B 206 -16.28 -17.20 9.36
N SER B 207 -17.15 -17.65 8.45
CA SER B 207 -17.73 -18.97 8.49
C SER B 207 -18.39 -19.24 7.13
N GLN B 208 -18.72 -20.49 6.90
CA GLN B 208 -19.48 -20.85 5.73
C GLN B 208 -20.72 -21.62 6.12
N PRO B 209 -21.88 -21.15 5.67
CA PRO B 209 -23.07 -21.92 6.01
C PRO B 209 -23.11 -23.18 5.16
N ILE B 210 -23.63 -24.27 5.70
CA ILE B 210 -23.85 -25.44 4.87
C ILE B 210 -25.19 -25.26 4.19
N THR B 211 -25.13 -24.97 2.89
CA THR B 211 -26.32 -24.64 2.16
C THR B 211 -26.97 -25.90 1.58
N THR B 212 -28.27 -25.84 1.33
CA THR B 212 -28.95 -26.92 0.62
C THR B 212 -29.23 -26.48 -0.81
N GLY B 213 -29.85 -27.34 -1.61
CA GLY B 213 -30.20 -27.01 -2.97
C GLY B 213 -28.99 -26.84 -3.88
N LYS B 214 -29.24 -26.33 -5.08
CA LYS B 214 -28.23 -26.27 -6.12
C LYS B 214 -27.64 -24.87 -6.23
N ALA B 215 -26.38 -24.73 -5.78
CA ALA B 215 -25.68 -23.46 -5.89
C ALA B 215 -25.59 -23.01 -7.35
N PRO B 216 -25.59 -21.69 -7.59
CA PRO B 216 -25.28 -21.26 -8.94
C PRO B 216 -23.87 -21.74 -9.26
N SER B 217 -23.55 -21.92 -10.54
CA SER B 217 -22.20 -22.25 -10.92
C SER B 217 -21.22 -21.21 -10.35
N PRO B 218 -19.93 -21.55 -10.26
CA PRO B 218 -18.95 -20.52 -9.93
C PRO B 218 -19.04 -19.33 -10.88
N ARG B 219 -18.82 -18.13 -10.38
CA ARG B 219 -18.89 -16.97 -11.25
C ARG B 219 -18.26 -15.74 -10.66
N ALA B 220 -17.99 -14.78 -11.53
CA ALA B 220 -17.53 -13.46 -11.14
C ALA B 220 -18.25 -12.43 -11.99
N ALA B 221 -18.23 -11.16 -11.56
CA ALA B 221 -18.86 -10.05 -12.27
C ALA B 221 -20.40 -10.24 -12.37
N HIS B 222 -20.92 -10.97 -11.40
CA HIS B 222 -22.35 -11.12 -11.25
C HIS B 222 -22.85 -9.95 -10.41
N ALA B 223 -24.15 -9.91 -10.16
CA ALA B 223 -24.68 -8.87 -9.31
C ALA B 223 -25.63 -9.46 -8.28
N CYS B 224 -25.48 -8.97 -7.06
CA CYS B 224 -26.28 -9.40 -5.93
C CYS B 224 -27.16 -8.28 -5.46
N ALA B 225 -28.36 -8.67 -5.04
CA ALA B 225 -29.29 -7.78 -4.41
C ALA B 225 -30.02 -8.52 -3.32
N THR B 226 -30.27 -7.80 -2.24
CA THR B 226 -30.91 -8.35 -1.07
C THR B 226 -32.30 -7.76 -0.96
N VAL B 227 -33.27 -8.62 -0.64
CA VAL B 227 -34.63 -8.19 -0.27
C VAL B 227 -35.13 -9.08 0.87
N GLY B 228 -35.22 -8.53 2.08
CA GLY B 228 -35.61 -9.30 3.24
C GLY B 228 -34.57 -10.38 3.46
N ASN B 229 -35.04 -11.60 3.68
CA ASN B 229 -34.13 -12.73 3.89
C ASN B 229 -33.75 -13.47 2.62
N ARG B 230 -33.81 -12.78 1.46
CA ARG B 230 -33.41 -13.42 0.21
C ARG B 230 -32.27 -12.71 -0.47
N GLY B 231 -31.23 -13.48 -0.76
CA GLY B 231 -30.08 -12.97 -1.46
C GLY B 231 -30.12 -13.37 -2.91
N PHE B 232 -30.39 -12.42 -3.80
CA PHE B 232 -30.50 -12.71 -5.24
C PHE B 232 -29.17 -12.56 -5.93
N VAL B 233 -28.96 -13.37 -6.97
CA VAL B 233 -27.78 -13.23 -7.81
C VAL B 233 -28.17 -13.44 -9.27
N PHE B 234 -27.67 -12.55 -10.14
CA PHE B 234 -28.03 -12.62 -11.55
C PHE B 234 -26.82 -12.51 -12.43
N GLY B 235 -26.79 -13.38 -13.43
CA GLY B 235 -25.83 -13.27 -14.50
C GLY B 235 -24.44 -13.52 -14.00
N GLY B 236 -23.48 -12.93 -14.70
CA GLY B 236 -22.07 -13.06 -14.33
C GLY B 236 -21.31 -13.88 -15.34
N ARG B 237 -20.00 -13.94 -15.15
CA ARG B 237 -19.17 -14.58 -16.13
C ARG B 237 -18.78 -15.94 -15.59
N TYR B 238 -18.70 -16.93 -16.48
CA TYR B 238 -18.21 -18.24 -16.10
C TYR B 238 -17.82 -19.02 -17.33
N ARG B 239 -16.53 -19.39 -17.39
CA ARG B 239 -15.97 -20.07 -18.56
C ARG B 239 -16.15 -19.22 -19.81
N ASP B 240 -16.90 -19.72 -20.78
CA ASP B 240 -17.03 -18.98 -22.04
C ASP B 240 -18.40 -18.34 -22.23
N ALA B 241 -19.12 -18.10 -21.13
CA ALA B 241 -20.40 -17.40 -21.25
C ALA B 241 -20.54 -16.31 -20.18
N ARG B 242 -21.29 -15.27 -20.55
CA ARG B 242 -21.81 -14.30 -19.60
C ARG B 242 -23.30 -14.55 -19.53
N MET B 243 -23.79 -14.84 -18.33
CA MET B 243 -25.04 -15.60 -18.17
C MET B 243 -26.25 -14.75 -17.82
N ASN B 244 -27.41 -15.38 -17.94
CA ASN B 244 -28.66 -14.74 -17.58
C ASN B 244 -29.45 -15.51 -16.53
N ASP B 245 -28.83 -16.46 -15.84
CA ASP B 245 -29.60 -17.24 -14.86
C ASP B 245 -29.84 -16.41 -13.60
N LEU B 246 -30.90 -16.72 -12.89
CA LEU B 246 -31.25 -15.94 -11.73
C LEU B 246 -31.56 -16.88 -10.58
N HIS B 247 -30.79 -16.77 -9.51
CA HIS B 247 -31.00 -17.63 -8.34
C HIS B 247 -31.19 -16.73 -7.14
N TYR B 248 -31.54 -17.32 -5.99
CA TYR B 248 -31.49 -16.58 -4.74
C TYR B 248 -31.13 -17.53 -3.63
N LEU B 249 -30.34 -17.03 -2.68
CA LEU B 249 -30.02 -17.82 -1.50
C LEU B 249 -30.87 -17.35 -0.33
N ASN B 250 -31.67 -18.24 0.23
CA ASN B 250 -32.44 -17.87 1.42
C ASN B 250 -31.46 -17.74 2.59
N LEU B 251 -31.32 -16.53 3.12
CA LEU B 251 -30.33 -16.23 4.14
C LEU B 251 -30.77 -16.69 5.54
N ASP B 252 -31.97 -17.28 5.63
CA ASP B 252 -32.55 -17.76 6.90
C ASP B 252 -32.28 -19.24 7.05
N THR B 253 -32.55 -19.97 5.99
CA THR B 253 -32.54 -21.43 5.99
C THR B 253 -31.38 -21.98 5.17
N TRP B 254 -30.69 -21.10 4.46
CA TRP B 254 -29.55 -21.46 3.61
C TRP B 254 -29.90 -22.43 2.47
N GLU B 255 -31.11 -22.31 1.94
CA GLU B 255 -31.47 -23.05 0.74
C GLU B 255 -31.35 -22.18 -0.50
N TRP B 256 -30.66 -22.70 -1.51
CA TRP B 256 -30.59 -22.09 -2.83
C TRP B 256 -31.84 -22.41 -3.64
N ASN B 257 -32.41 -21.39 -4.28
CA ASN B 257 -33.50 -21.64 -5.24
C ASN B 257 -33.20 -21.01 -6.59
N GLU B 258 -33.28 -21.79 -7.67
CA GLU B 258 -33.18 -21.18 -9.00
C GLU B 258 -34.53 -20.59 -9.40
N LEU B 259 -34.50 -19.42 -10.01
CA LEU B 259 -35.72 -18.78 -10.48
C LEU B 259 -35.80 -18.90 -12.00
N ILE B 260 -36.96 -19.32 -12.50
CA ILE B 260 -37.17 -19.32 -13.94
C ILE B 260 -38.36 -18.42 -14.27
N PRO B 261 -38.09 -17.15 -14.62
CA PRO B 261 -39.17 -16.24 -15.00
C PRO B 261 -39.79 -16.68 -16.31
N GLN B 262 -41.07 -16.37 -16.52
CA GLN B 262 -41.74 -16.81 -17.72
C GLN B 262 -41.71 -15.69 -18.76
N GLY B 263 -41.47 -16.08 -20.01
CA GLY B 263 -41.34 -15.11 -21.08
C GLY B 263 -39.93 -14.56 -21.28
N ILE B 264 -39.87 -13.28 -21.65
CA ILE B 264 -38.63 -12.64 -22.06
C ILE B 264 -37.70 -12.37 -20.88
N CYS B 265 -36.45 -12.80 -20.99
CA CYS B 265 -35.43 -12.57 -19.96
C CYS B 265 -34.36 -11.66 -20.53
N PRO B 266 -33.66 -10.91 -19.66
CA PRO B 266 -32.59 -10.05 -20.15
C PRO B 266 -31.46 -10.87 -20.74
N VAL B 267 -30.78 -10.35 -21.74
CA VAL B 267 -29.65 -11.09 -22.30
C VAL B 267 -28.59 -11.30 -21.23
N GLY B 268 -27.97 -12.48 -21.25
CA GLY B 268 -26.86 -12.79 -20.38
C GLY B 268 -25.79 -11.73 -20.48
N ARG B 269 -25.15 -11.47 -19.35
CA ARG B 269 -24.30 -10.30 -19.20
C ARG B 269 -23.45 -10.47 -17.95
N SER B 270 -22.38 -9.68 -17.86
CA SER B 270 -21.61 -9.58 -16.65
C SER B 270 -21.33 -8.09 -16.43
N TRP B 271 -20.82 -7.72 -15.26
CA TRP B 271 -20.49 -6.32 -14.97
C TRP B 271 -21.73 -5.44 -14.99
N HIS B 272 -22.89 -6.07 -14.79
CA HIS B 272 -24.14 -5.36 -14.66
C HIS B 272 -24.35 -4.99 -13.20
N SER B 273 -25.34 -4.14 -12.95
CA SER B 273 -25.73 -3.83 -11.60
C SER B 273 -27.18 -4.28 -11.38
N LEU B 274 -27.48 -4.57 -10.12
CA LEU B 274 -28.75 -5.14 -9.70
C LEU B 274 -29.16 -4.53 -8.37
N THR B 275 -30.16 -3.66 -8.37
CA THR B 275 -30.46 -2.82 -7.22
C THR B 275 -31.89 -3.06 -6.71
N PRO B 276 -32.04 -3.32 -5.41
CA PRO B 276 -33.40 -3.37 -4.88
C PRO B 276 -34.00 -1.99 -4.93
N VAL B 277 -35.23 -1.84 -5.42
CA VAL B 277 -35.86 -0.52 -5.44
C VAL B 277 -37.16 -0.55 -4.69
N SER B 278 -37.55 -1.75 -4.27
CA SER B 278 -38.72 -1.95 -3.42
C SER B 278 -38.65 -3.35 -2.84
N SER B 279 -39.57 -3.69 -1.94
CA SER B 279 -39.60 -5.04 -1.40
C SER B 279 -40.02 -6.08 -2.46
N ASP B 280 -40.42 -5.62 -3.65
CA ASP B 280 -40.89 -6.53 -4.70
C ASP B 280 -40.22 -6.32 -6.05
N HIS B 281 -39.19 -5.46 -6.12
CA HIS B 281 -38.56 -5.14 -7.41
C HIS B 281 -37.05 -4.97 -7.40
N LEU B 282 -36.36 -5.59 -8.36
CA LEU B 282 -34.92 -5.39 -8.53
C LEU B 282 -34.65 -4.61 -9.81
N PHE B 283 -33.77 -3.62 -9.73
CA PHE B 283 -33.42 -2.84 -10.92
C PHE B 283 -32.13 -3.31 -11.58
N LEU B 284 -32.27 -3.74 -12.83
CA LEU B 284 -31.16 -4.18 -13.61
C LEU B 284 -30.74 -3.08 -14.57
N PHE B 285 -29.43 -2.90 -14.76
CA PHE B 285 -28.93 -2.00 -15.79
C PHE B 285 -27.51 -2.32 -16.23
N GLY B 286 -27.29 -2.28 -17.54
CA GLY B 286 -25.97 -2.37 -18.10
C GLY B 286 -25.37 -3.75 -18.17
N GLY B 287 -24.04 -3.78 -18.26
CA GLY B 287 -23.36 -5.05 -18.34
C GLY B 287 -22.73 -5.28 -19.70
N PHE B 288 -22.39 -6.53 -19.95
CA PHE B 288 -21.50 -6.90 -21.02
C PHE B 288 -21.85 -8.32 -21.46
N THR B 289 -22.28 -8.46 -22.72
CA THR B 289 -22.75 -9.76 -23.23
C THR B 289 -21.59 -10.72 -23.49
N THR B 290 -21.93 -12.00 -23.64
CA THR B 290 -20.99 -13.04 -24.04
C THR B 290 -20.15 -12.62 -25.26
N ASP B 291 -20.78 -12.08 -26.30
CA ASP B 291 -20.06 -11.65 -27.50
C ASP B 291 -19.69 -10.17 -27.43
N LYS B 292 -19.59 -9.67 -26.20
CA LYS B 292 -18.86 -8.44 -25.91
C LYS B 292 -19.57 -7.14 -26.28
N GLN B 293 -20.90 -7.18 -26.34
CA GLN B 293 -21.69 -5.96 -26.53
C GLN B 293 -21.92 -5.20 -25.23
N PRO B 294 -21.55 -3.91 -25.20
CA PRO B 294 -21.83 -3.02 -24.08
C PRO B 294 -23.32 -2.80 -23.96
N LEU B 295 -23.89 -2.77 -22.75
CA LEU B 295 -25.35 -2.73 -22.68
C LEU B 295 -25.90 -1.49 -21.99
N SER B 296 -27.03 -1.03 -22.51
CA SER B 296 -27.73 0.15 -22.01
C SER B 296 -29.18 -0.19 -21.72
N ASP B 297 -29.51 -1.47 -21.72
CA ASP B 297 -30.88 -1.85 -21.41
C ASP B 297 -31.04 -1.90 -19.89
N ALA B 298 -32.22 -1.46 -19.45
CA ALA B 298 -32.62 -1.47 -18.06
C ALA B 298 -33.89 -2.31 -17.93
N TRP B 299 -33.94 -3.16 -16.91
CA TRP B 299 -35.10 -4.00 -16.61
C TRP B 299 -35.48 -3.90 -15.12
N THR B 300 -36.73 -4.23 -14.82
CA THR B 300 -37.13 -4.50 -13.45
C THR B 300 -37.50 -5.96 -13.33
N TYR B 301 -36.94 -6.64 -12.34
CA TYR B 301 -37.45 -7.94 -11.98
C TYR B 301 -38.48 -7.78 -10.89
N CYS B 302 -39.72 -8.17 -11.21
CA CYS B 302 -40.81 -8.18 -10.23
C CYS B 302 -40.82 -9.52 -9.52
N ILE B 303 -40.39 -9.51 -8.26
CA ILE B 303 -40.19 -10.73 -7.49
C ILE B 303 -41.46 -11.56 -7.30
N SER B 304 -42.58 -10.91 -7.01
CA SER B 304 -43.81 -11.65 -6.73
C SER B 304 -44.38 -12.28 -8.00
N LYS B 305 -44.21 -11.61 -9.13
CA LYS B 305 -44.74 -12.16 -10.38
C LYS B 305 -43.70 -13.04 -11.05
N ASN B 306 -42.46 -12.96 -10.57
CA ASN B 306 -41.35 -13.67 -11.17
C ASN B 306 -41.31 -13.33 -12.65
N GLU B 307 -41.30 -12.05 -12.96
CA GLU B 307 -41.20 -11.64 -14.35
C GLU B 307 -40.31 -10.43 -14.52
N TRP B 308 -39.60 -10.39 -15.65
CA TRP B 308 -38.82 -9.22 -16.04
C TRP B 308 -39.64 -8.24 -16.85
N ILE B 309 -39.57 -6.98 -16.49
CA ILE B 309 -40.24 -5.93 -17.23
C ILE B 309 -39.16 -4.99 -17.75
N GLN B 310 -39.02 -4.89 -19.04
CA GLN B 310 -38.05 -3.99 -19.60
C GLN B 310 -38.41 -2.56 -19.29
N PHE B 311 -37.42 -1.78 -18.94
CA PHE B 311 -37.63 -0.47 -18.43
C PHE B 311 -37.11 0.54 -19.39
N ASN B 312 -37.96 1.50 -19.66
CA ASN B 312 -37.63 2.50 -20.63
C ASN B 312 -37.12 3.81 -19.99
N HIS B 313 -36.14 4.39 -20.64
CA HIS B 313 -35.35 5.41 -20.03
C HIS B 313 -34.56 6.18 -21.03
N PRO B 314 -34.12 7.35 -20.64
CA PRO B 314 -33.43 8.22 -21.57
C PRO B 314 -31.92 8.02 -21.74
N TYR B 315 -31.30 7.00 -21.17
CA TYR B 315 -29.89 6.79 -21.38
C TYR B 315 -29.55 5.61 -22.30
N THR B 316 -30.38 5.34 -23.28
CA THR B 316 -30.15 4.20 -24.19
C THR B 316 -28.91 4.32 -25.12
N GLU B 317 -28.34 5.51 -25.24
CA GLU B 317 -27.12 5.68 -25.95
C GLU B 317 -25.93 5.82 -25.01
N LYS B 318 -26.17 5.63 -23.75
CA LYS B 318 -25.10 5.67 -22.79
C LYS B 318 -25.00 4.34 -22.11
N PRO B 319 -24.39 3.37 -22.75
CA PRO B 319 -24.28 2.09 -22.03
C PRO B 319 -23.14 2.02 -21.06
N ARG B 320 -23.24 1.12 -20.12
CA ARG B 320 -22.25 1.02 -19.08
C ARG B 320 -21.98 -0.39 -18.56
N LEU B 321 -20.75 -0.61 -18.16
CA LEU B 321 -20.38 -1.83 -17.53
C LEU B 321 -19.27 -1.50 -16.53
N TRP B 322 -19.24 -2.19 -15.41
CA TRP B 322 -18.42 -1.87 -14.27
C TRP B 322 -18.71 -0.54 -13.59
N HIS B 323 -19.87 -0.01 -13.88
CA HIS B 323 -20.45 1.06 -13.14
C HIS B 323 -21.01 0.58 -11.80
N THR B 324 -21.55 1.49 -11.02
CA THR B 324 -22.18 1.17 -9.76
C THR B 324 -23.56 1.77 -9.76
N ALA B 325 -24.46 1.19 -8.97
CA ALA B 325 -25.81 1.62 -8.82
C ALA B 325 -26.16 1.66 -7.37
N CYS B 326 -26.84 2.71 -6.98
CA CYS B 326 -27.28 2.89 -5.60
C CYS B 326 -28.69 3.46 -5.58
N ALA B 327 -29.55 2.85 -4.83
CA ALA B 327 -30.86 3.41 -4.62
C ALA B 327 -30.79 4.61 -3.71
N SER B 328 -31.66 5.55 -3.99
CA SER B 328 -31.90 6.69 -3.15
C SER B 328 -33.18 6.49 -2.42
N ASP B 329 -33.39 7.34 -1.43
CA ASP B 329 -34.62 7.34 -0.75
C ASP B 329 -35.71 8.04 -1.55
N GLU B 330 -35.36 8.72 -2.62
CA GLU B 330 -36.31 9.49 -3.37
C GLU B 330 -36.79 8.76 -4.60
N GLY B 331 -36.63 7.47 -4.62
CA GLY B 331 -37.24 6.65 -5.64
C GLY B 331 -36.34 6.29 -6.81
N GLU B 332 -35.08 6.67 -6.71
CA GLU B 332 -34.23 6.59 -7.82
C GLU B 332 -33.24 5.49 -7.70
N VAL B 333 -32.57 5.22 -8.80
CA VAL B 333 -31.35 4.47 -8.83
C VAL B 333 -30.26 5.35 -9.44
N ILE B 334 -29.19 5.50 -8.68
CA ILE B 334 -28.08 6.35 -9.04
C ILE B 334 -26.93 5.52 -9.58
N VAL B 335 -26.66 5.64 -10.87
CA VAL B 335 -25.56 4.89 -11.48
C VAL B 335 -24.41 5.84 -11.67
N PHE B 336 -23.20 5.40 -11.32
CA PHE B 336 -22.00 6.23 -11.52
C PHE B 336 -20.87 5.45 -12.17
N GLY B 337 -20.07 6.15 -12.96
CA GLY B 337 -18.81 5.61 -13.41
C GLY B 337 -19.05 4.47 -14.36
N GLY B 338 -18.07 3.59 -14.46
CA GLY B 338 -18.17 2.47 -15.36
C GLY B 338 -17.65 2.86 -16.71
N CYS B 339 -17.68 1.91 -17.65
CA CYS B 339 -17.09 2.08 -18.95
C CYS B 339 -18.13 1.96 -20.04
N ALA B 340 -18.05 2.86 -21.02
CA ALA B 340 -19.07 2.95 -22.06
C ALA B 340 -18.94 1.86 -23.12
N ASN B 341 -17.73 1.33 -23.32
CA ASN B 341 -17.50 0.35 -24.37
C ASN B 341 -16.74 -0.87 -23.85
N ASN B 342 -16.15 -1.64 -24.76
CA ASN B 342 -15.33 -2.80 -24.35
C ASN B 342 -14.05 -2.38 -23.60
N LEU B 343 -14.12 -2.32 -22.27
CA LEU B 343 -12.95 -1.96 -21.47
C LEU B 343 -11.79 -2.94 -21.61
N LEU B 344 -12.07 -4.14 -22.12
CA LEU B 344 -11.01 -5.11 -22.34
C LEU B 344 -10.00 -4.64 -23.41
N VAL B 345 -10.42 -3.71 -24.27
CA VAL B 345 -9.51 -2.99 -25.13
C VAL B 345 -9.06 -1.74 -24.36
N HIS B 346 -7.96 -1.86 -23.60
CA HIS B 346 -7.63 -0.86 -22.58
C HIS B 346 -7.41 0.54 -23.15
N HIS B 347 -6.71 0.61 -24.29
CA HIS B 347 -6.36 1.87 -24.91
C HIS B 347 -7.52 2.54 -25.65
N ARG B 348 -8.68 1.89 -25.73
CA ARG B 348 -9.85 2.49 -26.35
C ARG B 348 -10.99 2.68 -25.36
N ALA B 349 -10.82 2.15 -24.16
CA ALA B 349 -11.88 2.14 -23.15
C ALA B 349 -12.39 3.54 -22.87
N ALA B 350 -13.70 3.69 -22.87
CA ALA B 350 -14.28 4.97 -22.51
C ALA B 350 -14.84 4.86 -21.10
N HIS B 351 -14.03 5.28 -20.13
CA HIS B 351 -14.44 5.30 -18.73
C HIS B 351 -15.22 6.58 -18.43
N SER B 352 -16.19 6.51 -17.52
CA SER B 352 -17.04 7.67 -17.27
C SER B 352 -17.03 8.15 -15.82
N ASN B 353 -17.39 9.42 -15.63
CA ASN B 353 -17.61 9.99 -14.31
C ASN B 353 -19.05 10.52 -14.21
N GLU B 354 -19.89 10.06 -15.11
CA GLU B 354 -21.21 10.60 -15.22
C GLU B 354 -22.18 9.95 -14.24
N ILE B 355 -23.17 10.71 -13.82
CA ILE B 355 -24.22 10.25 -12.95
C ILE B 355 -25.47 10.03 -13.78
N LEU B 356 -25.97 8.80 -13.77
CA LEU B 356 -27.19 8.49 -14.50
C LEU B 356 -28.28 8.20 -13.47
N ILE B 357 -29.40 8.90 -13.58
CA ILE B 357 -30.46 8.74 -12.59
C ILE B 357 -31.69 8.06 -13.21
N PHE B 358 -31.98 6.87 -12.71
CA PHE B 358 -33.14 6.14 -13.17
C PHE B 358 -34.26 6.31 -12.13
N SER B 359 -35.37 6.89 -12.54
CA SER B 359 -36.47 7.14 -11.63
C SER B 359 -37.42 5.97 -11.56
N VAL B 360 -37.63 5.41 -10.36
CA VAL B 360 -38.65 4.38 -10.16
C VAL B 360 -39.39 4.55 -8.83
N ILE C 1 -4.84 -7.18 -15.57
CA ILE C 1 -5.02 -8.44 -14.91
C ILE C 1 -6.30 -8.46 -14.02
N GLY C 2 -6.66 -7.30 -13.48
CA GLY C 2 -7.92 -7.09 -12.79
C GLY C 2 -9.13 -7.27 -13.70
N LEU C 3 -8.89 -7.17 -15.00
CA LEU C 3 -9.91 -7.33 -15.99
C LEU C 3 -10.26 -8.76 -16.30
N LEU C 4 -9.37 -9.68 -15.96
CA LEU C 4 -9.62 -11.10 -16.09
C LEU C 4 -10.79 -11.65 -15.28
N GLY C 5 -11.48 -12.62 -15.82
CA GLY C 5 -12.51 -13.32 -15.14
C GLY C 5 -13.87 -12.69 -15.16
N GLY C 6 -13.97 -11.52 -15.76
CA GLY C 6 -15.20 -10.83 -16.04
C GLY C 6 -15.68 -10.89 -17.48
N ILE D 1 13.04 8.64 -9.52
CA ILE D 1 12.08 8.28 -8.50
C ILE D 1 12.52 8.70 -7.09
N GLY D 2 12.96 7.73 -6.29
CA GLY D 2 13.52 7.97 -4.99
C GLY D 2 14.97 8.34 -5.07
N LEU D 3 15.49 8.29 -6.29
CA LEU D 3 16.88 8.57 -6.62
C LEU D 3 17.28 10.00 -6.41
N LEU D 4 16.35 10.89 -6.68
CA LEU D 4 16.55 12.30 -6.57
C LEU D 4 16.98 12.83 -5.19
N GLY D 5 17.86 13.81 -5.17
CA GLY D 5 18.24 14.47 -3.94
C GLY D 5 19.38 13.85 -3.15
N GLY D 6 19.84 12.73 -3.60
CA GLY D 6 21.08 12.15 -3.19
C GLY D 6 22.24 12.47 -4.13
#